data_4XM3
#
_entry.id   4XM3
#
_cell.length_a   74.354
_cell.length_b   74.354
_cell.length_c   175.187
_cell.angle_alpha   90.000
_cell.angle_beta   90.000
_cell.angle_gamma   120.000
#
_symmetry.space_group_name_H-M   'P 3 2 1'
#
loop_
_entity.id
_entity.type
_entity.pdbx_description
1 polymer 'Tail spike protein'
2 branched alpha-L-rhamnopyranose-(1-6)-alpha-D-glucopyranose-(1-4)-[2-acetamido-2-deoxy-beta-D-glucopyranose-(1-3)]alpha-D-galactopyranose-(1-3)-2-acetamido-2-deoxy-alpha-D-glucopyranose
3 non-polymer 2-AMINO-2-HYDROXYMETHYL-PROPANE-1,3-DIOL
4 non-polymer 'FORMIC ACID'
5 non-polymer 'SODIUM ION'
6 water water
#
_entity_poly.entity_id   1
_entity_poly.type   'polypeptide(L)'
_entity_poly.pdbx_seq_one_letter_code
;PDQFRAIIESPEGAGHVGYQYRRNTGSTMRMVSDVLDERVSLWDFHCDPSGNVIQPGPNVDSRQYLQAAIDYVSSNGGGT
ITIPAGYTWYLGSYGVGGIAGHSGIIQLRSNVNLNIEGRIHLSPFFDLKPFQVFVGFDNGDPASSGNLENCHIYGHGVVD
FGGYEFGASSQLRNGVAFGRSYNCSVTGITFQNGDVTWAITLGWNGYGSNCYVRKCRFINLVNSSVNADHSTVYVNCPYS
GVESCYFSMSSSFARNIACSVALHQHDTFYRGSTVNGYCRGAYVVMHAAEAAGAGSYAYNMQVENNIAVIYGQFVILGSD
VTATVSGHLNDVIVSGNIVSIGERAAFSAPFGAFIDIGPDNSGASNVQDIQRVLVTGNSFYAPANITDSAAITLRANLNG
CTFIANNFDCRYMVYNAPGTTSPVVQNLVWDKSNVIGGTHANQRAGQNLFDMQFASVVNSTIEVQLSCEDLSMFSCILFP
ASCQLSYSKITVDSAWTKSMSNTAVFEGNQQAGANVYVSYPATVNLTSYNTQGAVPFFSTDTNYAWVTSAYSLSINENLD
FSPPATYTNKANGQLVGVGYNEIGGVRSVSVRLMLQRQV
;
_entity_poly.pdbx_strand_id   A
#
loop_
_chem_comp.id
_chem_comp.type
_chem_comp.name
_chem_comp.formula
FMT non-polymer 'FORMIC ACID' 'C H2 O2'
GLA D-saccharide, alpha linking alpha-D-galactopyranose 'C6 H12 O6'
GLC D-saccharide, alpha linking alpha-D-glucopyranose 'C6 H12 O6'
NA non-polymer 'SODIUM ION' 'Na 1'
NAG D-saccharide, beta linking 2-acetamido-2-deoxy-beta-D-glucopyranose 'C8 H15 N O6'
NDG D-saccharide, alpha linking 2-acetamido-2-deoxy-alpha-D-glucopyranose 'C8 H15 N O6'
RAM L-saccharide, alpha linking alpha-L-rhamnopyranose 'C6 H12 O5'
TRS non-polymer 2-AMINO-2-HYDROXYMETHYL-PROPANE-1,3-DIOL 'C4 H12 N O3 1'
#
# COMPACT_ATOMS: atom_id res chain seq x y z
N PRO A 1 48.10 -52.70 -15.81
CA PRO A 1 48.03 -51.38 -16.50
C PRO A 1 46.87 -51.30 -17.50
N ASP A 2 46.24 -52.43 -17.82
CA ASP A 2 44.98 -52.35 -18.58
C ASP A 2 43.90 -51.74 -17.77
N GLN A 3 43.89 -52.14 -16.49
CA GLN A 3 42.84 -51.78 -15.58
C GLN A 3 43.11 -50.31 -15.29
N PHE A 4 44.40 -49.87 -15.26
CA PHE A 4 44.71 -48.43 -15.03
C PHE A 4 44.11 -47.54 -16.11
N ARG A 5 44.38 -47.80 -17.40
CA ARG A 5 43.72 -47.00 -18.48
C ARG A 5 42.23 -47.12 -18.33
N ALA A 6 41.71 -48.34 -18.12
CA ALA A 6 40.30 -48.52 -17.88
C ALA A 6 39.80 -47.69 -16.69
N ILE A 7 40.55 -47.70 -15.57
CA ILE A 7 40.12 -46.96 -14.33
C ILE A 7 40.00 -45.47 -14.76
N ILE A 8 41.01 -44.99 -15.48
CA ILE A 8 41.10 -43.56 -15.77
C ILE A 8 39.92 -43.12 -16.66
N GLU A 9 39.51 -43.93 -17.63
CA GLU A 9 38.39 -43.58 -18.50
C GLU A 9 37.02 -43.82 -17.89
N SER A 10 36.97 -44.63 -16.83
CA SER A 10 35.76 -44.94 -16.10
C SER A 10 35.25 -43.73 -15.31
N PRO A 11 34.03 -43.79 -14.78
CA PRO A 11 33.55 -42.65 -14.00
C PRO A 11 34.29 -42.46 -12.68
N GLU A 12 35.11 -43.42 -12.27
CA GLU A 12 35.97 -43.25 -11.08
C GLU A 12 37.39 -42.69 -11.40
N GLY A 13 37.61 -42.39 -12.67
CA GLY A 13 38.93 -41.90 -13.07
C GLY A 13 39.50 -40.72 -12.36
N ALA A 14 38.68 -39.69 -12.22
CA ALA A 14 39.11 -38.48 -11.52
C ALA A 14 39.50 -38.76 -10.09
N GLY A 15 38.91 -39.80 -9.51
CA GLY A 15 39.22 -40.29 -8.22
C GLY A 15 40.52 -41.01 -8.08
N HIS A 16 41.28 -41.09 -9.18
CA HIS A 16 42.61 -41.70 -9.15
C HIS A 16 43.70 -40.71 -9.54
N VAL A 17 43.30 -39.50 -9.99
CA VAL A 17 44.29 -38.53 -10.38
C VAL A 17 44.63 -37.57 -9.22
N GLY A 18 45.87 -37.59 -8.76
CA GLY A 18 46.24 -36.83 -7.54
C GLY A 18 46.27 -35.31 -7.78
N TYR A 19 46.07 -34.56 -6.74
CA TYR A 19 46.14 -33.10 -6.73
C TYR A 19 46.50 -32.58 -5.39
N GLN A 20 47.33 -31.56 -5.36
CA GLN A 20 47.67 -30.84 -4.18
C GLN A 20 47.69 -29.34 -4.56
N TYR A 21 46.93 -28.55 -3.82
CA TYR A 21 46.69 -27.12 -4.13
C TYR A 21 47.99 -26.37 -4.32
N ARG A 22 48.13 -25.81 -5.55
CA ARG A 22 49.27 -24.96 -5.92
C ARG A 22 50.66 -25.57 -5.61
N ARG A 23 50.74 -26.90 -5.65
CA ARG A 23 51.92 -27.66 -5.34
C ARG A 23 52.44 -27.38 -3.91
N ASN A 24 51.55 -26.90 -3.04
CA ASN A 24 51.92 -26.60 -1.66
C ASN A 24 52.13 -27.87 -0.89
N THR A 25 53.35 -28.14 -0.42
CA THR A 25 53.53 -29.43 0.26
C THR A 25 52.82 -29.48 1.61
N GLY A 26 52.40 -28.35 2.15
CA GLY A 26 51.57 -28.37 3.36
C GLY A 26 50.10 -28.57 3.10
N SER A 27 49.67 -28.66 1.85
CA SER A 27 48.26 -28.90 1.54
C SER A 27 47.86 -30.35 1.46
N THR A 28 46.56 -30.56 1.62
CA THR A 28 46.00 -31.90 1.51
C THR A 28 46.34 -32.58 0.22
N MET A 29 46.75 -33.86 0.33
CA MET A 29 46.86 -34.72 -0.89
C MET A 29 45.52 -35.27 -1.25
N ARG A 30 44.92 -34.72 -2.30
CA ARG A 30 43.54 -34.97 -2.69
C ARG A 30 43.56 -35.71 -4.05
N MET A 31 42.37 -36.04 -4.54
CA MET A 31 42.17 -36.49 -5.94
C MET A 31 41.35 -35.44 -6.65
N VAL A 32 41.49 -35.36 -7.95
CA VAL A 32 40.73 -34.38 -8.72
C VAL A 32 39.22 -34.43 -8.41
N SER A 33 38.68 -35.65 -8.31
CA SER A 33 37.21 -35.83 -8.03
C SER A 33 36.80 -35.11 -6.72
N ASP A 34 37.69 -35.09 -5.69
CA ASP A 34 37.37 -34.39 -4.46
C ASP A 34 37.16 -32.90 -4.69
N VAL A 35 38.00 -32.32 -5.54
CA VAL A 35 37.90 -30.89 -5.79
C VAL A 35 36.62 -30.61 -6.61
N LEU A 36 36.34 -31.42 -7.62
CA LEU A 36 35.13 -31.27 -8.46
C LEU A 36 33.89 -31.43 -7.61
N ASP A 37 33.97 -32.30 -6.61
CA ASP A 37 32.82 -32.61 -5.73
C ASP A 37 32.48 -31.39 -4.82
N GLU A 38 33.35 -30.34 -4.79
CA GLU A 38 33.04 -29.12 -4.00
C GLU A 38 31.93 -28.29 -4.61
N ARG A 39 31.64 -28.51 -5.88
CA ARG A 39 30.53 -27.82 -6.56
C ARG A 39 29.63 -28.84 -7.19
N VAL A 40 28.46 -28.37 -7.59
CA VAL A 40 27.42 -29.25 -8.13
C VAL A 40 26.55 -28.43 -9.08
N SER A 41 26.20 -28.99 -10.23
CA SER A 41 25.29 -28.32 -11.15
C SER A 41 24.17 -29.24 -11.60
N LEU A 42 23.21 -28.68 -12.33
CA LEU A 42 22.20 -29.49 -12.93
C LEU A 42 22.79 -30.54 -13.89
N TRP A 43 23.94 -30.24 -14.48
CA TRP A 43 24.53 -31.21 -15.38
C TRP A 43 24.87 -32.54 -14.71
N ASP A 44 25.12 -32.53 -13.41
CA ASP A 44 25.43 -33.75 -12.67
C ASP A 44 24.29 -34.70 -12.44
N PHE A 45 23.06 -34.24 -12.78
CA PHE A 45 21.86 -35.06 -12.67
C PHE A 45 21.02 -35.15 -13.93
N HIS A 46 21.37 -34.37 -14.96
CA HIS A 46 20.53 -34.21 -16.19
C HIS A 46 20.97 -35.21 -17.21
N CYS A 47 20.62 -36.48 -16.93
CA CYS A 47 21.17 -37.63 -17.67
C CYS A 47 20.14 -38.72 -17.76
N ASP A 48 20.32 -39.56 -18.77
CA ASP A 48 19.45 -40.69 -19.00
C ASP A 48 19.82 -41.85 -18.07
N PRO A 49 19.09 -42.94 -18.18
CA PRO A 49 19.30 -44.01 -17.23
C PRO A 49 20.67 -44.67 -17.33
N SER A 50 21.36 -44.53 -18.47
CA SER A 50 22.69 -45.07 -18.63
C SER A 50 23.76 -44.07 -18.22
N GLY A 51 23.34 -42.91 -17.71
CA GLY A 51 24.29 -41.92 -17.30
C GLY A 51 24.74 -40.94 -18.38
N ASN A 52 24.15 -41.03 -19.58
CA ASN A 52 24.57 -40.09 -20.62
C ASN A 52 23.82 -38.75 -20.45
N VAL A 53 24.57 -37.66 -20.55
CA VAL A 53 24.01 -36.30 -20.42
C VAL A 53 22.95 -36.09 -21.47
N ILE A 54 21.89 -35.39 -21.07
CA ILE A 54 20.80 -34.98 -21.98
C ILE A 54 20.90 -33.46 -22.15
N GLN A 55 20.82 -32.94 -23.40
CA GLN A 55 20.73 -31.49 -23.60
C GLN A 55 19.31 -30.99 -23.27
N PRO A 56 19.20 -29.88 -22.53
CA PRO A 56 17.88 -29.27 -22.29
C PRO A 56 17.33 -28.63 -23.57
N GLY A 57 16.04 -28.38 -23.58
CA GLY A 57 15.41 -27.80 -24.74
C GLY A 57 13.92 -27.92 -24.58
N PRO A 58 13.17 -27.36 -25.52
CA PRO A 58 11.72 -27.30 -25.46
C PRO A 58 11.06 -28.65 -25.54
N ASN A 59 11.79 -29.64 -26.01
CA ASN A 59 11.30 -31.04 -26.14
C ASN A 59 11.79 -31.93 -25.03
N VAL A 60 12.41 -31.33 -24.00
CA VAL A 60 12.96 -32.09 -22.83
C VAL A 60 12.37 -31.52 -21.52
N ASP A 61 11.81 -32.42 -20.70
CA ASP A 61 11.34 -32.06 -19.39
C ASP A 61 12.45 -32.23 -18.33
N SER A 62 12.99 -31.11 -17.84
CA SER A 62 14.10 -31.14 -16.94
C SER A 62 13.67 -31.38 -15.50
N ARG A 63 12.35 -31.46 -15.21
CA ARG A 63 11.88 -31.52 -13.85
C ARG A 63 12.49 -32.64 -12.96
N GLN A 64 12.47 -33.86 -13.46
CA GLN A 64 12.91 -34.98 -12.62
C GLN A 64 14.39 -34.81 -12.29
N TYR A 65 15.18 -34.26 -13.24
CA TYR A 65 16.65 -34.10 -13.05
C TYR A 65 16.93 -33.07 -11.98
N LEU A 66 16.23 -31.94 -12.02
CA LEU A 66 16.43 -30.94 -11.01
C LEU A 66 15.98 -31.43 -9.66
N GLN A 67 14.85 -32.16 -9.63
CA GLN A 67 14.47 -32.76 -8.35
C GLN A 67 15.50 -33.74 -7.82
N ALA A 68 16.05 -34.56 -8.70
CA ALA A 68 17.07 -35.51 -8.25
C ALA A 68 18.26 -34.74 -7.64
N ALA A 69 18.64 -33.62 -8.23
CA ALA A 69 19.79 -32.84 -7.74
C ALA A 69 19.48 -32.27 -6.33
N ILE A 70 18.30 -31.67 -6.17
CA ILE A 70 17.87 -31.16 -4.91
C ILE A 70 17.84 -32.24 -3.84
N ASP A 71 17.25 -33.38 -4.18
CA ASP A 71 17.11 -34.48 -3.22
C ASP A 71 18.50 -34.95 -2.77
N TYR A 72 19.45 -35.08 -3.69
CA TYR A 72 20.75 -35.64 -3.32
C TYR A 72 21.53 -34.65 -2.42
N VAL A 73 21.55 -33.37 -2.82
CA VAL A 73 22.32 -32.35 -2.11
C VAL A 73 21.73 -32.24 -0.69
N SER A 74 20.40 -32.30 -0.62
CA SER A 74 19.73 -32.36 0.69
C SER A 74 20.23 -33.44 1.57
N SER A 75 20.46 -34.62 0.98
CA SER A 75 20.93 -35.75 1.77
C SER A 75 22.36 -35.56 2.31
N ASN A 76 23.13 -34.64 1.74
CA ASN A 76 24.47 -34.30 2.31
C ASN A 76 24.50 -33.05 3.18
N GLY A 77 23.34 -32.61 3.59
CA GLY A 77 23.26 -31.49 4.50
C GLY A 77 23.26 -30.12 3.83
N GLY A 78 23.10 -30.11 2.52
CA GLY A 78 22.87 -28.90 1.79
C GLY A 78 24.05 -28.53 0.95
N GLY A 79 23.86 -27.43 0.25
CA GLY A 79 24.80 -26.86 -0.69
C GLY A 79 24.09 -25.96 -1.67
N THR A 80 24.79 -25.61 -2.72
CA THR A 80 24.19 -24.73 -3.76
C THR A 80 24.28 -25.43 -5.13
N ILE A 81 23.15 -25.62 -5.79
CA ILE A 81 23.07 -26.21 -7.13
C ILE A 81 23.00 -25.10 -8.17
N THR A 82 23.96 -25.06 -9.11
CA THR A 82 23.90 -24.08 -10.16
C THR A 82 23.01 -24.59 -11.30
N ILE A 83 22.17 -23.67 -11.81
CA ILE A 83 21.38 -23.89 -13.04
C ILE A 83 22.07 -23.12 -14.15
N PRO A 84 22.87 -23.79 -14.98
CA PRO A 84 23.88 -23.12 -15.78
C PRO A 84 23.36 -22.04 -16.76
N ALA A 85 24.18 -21.00 -16.89
CA ALA A 85 24.02 -19.93 -17.85
C ALA A 85 24.20 -20.49 -19.26
N GLY A 86 23.53 -19.85 -20.25
CA GLY A 86 23.71 -20.19 -21.63
C GLY A 86 22.72 -21.25 -22.13
N TYR A 87 21.81 -21.72 -21.23
CA TYR A 87 20.80 -22.71 -21.53
C TYR A 87 19.45 -22.31 -20.95
N THR A 88 18.41 -22.76 -21.63
CA THR A 88 17.06 -22.74 -21.15
C THR A 88 16.59 -24.12 -20.75
N TRP A 89 16.22 -24.24 -19.49
CA TRP A 89 15.79 -25.50 -18.84
C TRP A 89 14.29 -25.48 -18.74
N TYR A 90 13.65 -26.38 -19.47
CA TYR A 90 12.20 -26.37 -19.52
C TYR A 90 11.63 -27.33 -18.45
N LEU A 91 10.52 -26.94 -17.87
CA LEU A 91 9.73 -27.81 -16.96
C LEU A 91 8.41 -28.14 -17.63
N GLY A 92 8.08 -29.46 -17.56
CA GLY A 92 7.02 -29.99 -18.42
C GLY A 92 6.09 -31.03 -17.79
N SER A 93 6.10 -31.15 -16.47
CA SER A 93 5.24 -32.09 -15.73
C SER A 93 5.16 -31.63 -14.29
N TYR A 94 4.17 -32.13 -13.58
CA TYR A 94 3.98 -31.93 -12.13
C TYR A 94 4.92 -32.80 -11.29
N GLY A 95 5.27 -32.28 -10.11
CA GLY A 95 5.97 -33.06 -9.12
C GLY A 95 4.98 -34.00 -8.43
N VAL A 96 5.52 -34.81 -7.54
CA VAL A 96 4.81 -35.86 -6.83
C VAL A 96 5.02 -35.81 -5.33
N GLY A 97 4.12 -36.44 -4.61
CA GLY A 97 4.12 -36.47 -3.16
C GLY A 97 3.53 -35.20 -2.54
N GLY A 98 4.16 -34.66 -1.51
CA GLY A 98 3.59 -33.59 -0.69
C GLY A 98 3.28 -32.30 -1.46
N ILE A 99 4.02 -32.03 -2.53
CA ILE A 99 3.80 -30.82 -3.32
C ILE A 99 2.63 -30.96 -4.30
N ALA A 100 2.13 -32.17 -4.56
CA ALA A 100 1.05 -32.34 -5.46
C ALA A 100 -0.24 -31.63 -5.05
N GLY A 101 -0.42 -31.50 -3.77
CA GLY A 101 -1.59 -30.78 -3.19
C GLY A 101 -1.51 -29.26 -3.44
N HIS A 102 -0.38 -28.80 -3.95
CA HIS A 102 -0.12 -27.39 -4.23
C HIS A 102 0.10 -27.15 -5.70
N SER A 103 -0.23 -28.16 -6.50
CA SER A 103 0.07 -28.06 -7.98
C SER A 103 1.57 -27.83 -8.23
N GLY A 104 2.39 -28.46 -7.38
CA GLY A 104 3.78 -28.13 -7.37
C GLY A 104 4.58 -28.77 -8.51
N ILE A 105 5.61 -28.07 -8.95
CA ILE A 105 6.51 -28.63 -9.95
C ILE A 105 7.79 -29.17 -9.28
N ILE A 106 8.56 -28.29 -8.63
CA ILE A 106 9.77 -28.66 -7.91
C ILE A 106 9.53 -28.50 -6.40
N GLN A 107 10.04 -29.46 -5.65
CA GLN A 107 10.12 -29.36 -4.18
C GLN A 107 11.47 -28.84 -3.70
N LEU A 108 11.43 -27.69 -3.00
CA LEU A 108 12.63 -27.16 -2.36
C LEU A 108 12.90 -27.91 -1.09
N ARG A 109 14.16 -27.98 -0.67
CA ARG A 109 14.53 -28.63 0.57
C ARG A 109 15.52 -27.77 1.38
N SER A 110 15.47 -27.99 2.68
CA SER A 110 16.27 -27.14 3.61
C SER A 110 17.76 -27.15 3.29
N ASN A 111 18.42 -26.00 3.40
CA ASN A 111 19.87 -25.88 3.15
C ASN A 111 20.28 -26.11 1.70
N VAL A 112 19.33 -26.25 0.78
CA VAL A 112 19.69 -26.43 -0.60
C VAL A 112 19.34 -25.18 -1.36
N ASN A 113 20.37 -24.44 -1.81
CA ASN A 113 20.20 -23.18 -2.44
C ASN A 113 20.24 -23.48 -3.95
N LEU A 114 19.57 -22.61 -4.73
CA LEU A 114 19.59 -22.62 -6.19
C LEU A 114 20.23 -21.36 -6.75
N ASN A 115 21.35 -21.52 -7.41
CA ASN A 115 21.97 -20.43 -8.11
C ASN A 115 21.54 -20.47 -9.57
N ILE A 116 20.45 -19.76 -9.87
CA ILE A 116 19.86 -19.69 -11.22
C ILE A 116 20.57 -18.66 -12.09
N GLU A 117 21.47 -19.16 -12.93
CA GLU A 117 22.16 -18.32 -13.90
C GLU A 117 21.56 -18.38 -15.30
N GLY A 118 21.06 -19.55 -15.70
CA GLY A 118 20.34 -19.67 -16.95
C GLY A 118 18.85 -19.36 -16.79
N ARG A 119 18.05 -19.86 -17.71
CA ARG A 119 16.62 -19.64 -17.73
C ARG A 119 15.86 -20.88 -17.45
N ILE A 120 14.78 -20.73 -16.66
CA ILE A 120 13.84 -21.81 -16.40
C ILE A 120 12.53 -21.41 -17.04
N HIS A 121 11.94 -22.29 -17.84
N HIS A 121 12.01 -22.24 -17.95
CA HIS A 121 10.82 -21.89 -18.69
CA HIS A 121 10.80 -21.93 -18.65
C HIS A 121 9.78 -22.99 -18.60
C HIS A 121 9.79 -23.00 -18.36
N LEU A 122 8.52 -22.60 -18.43
CA LEU A 122 7.40 -23.55 -18.44
C LEU A 122 6.98 -23.99 -19.85
N SER A 123 6.86 -25.30 -20.10
CA SER A 123 6.41 -25.87 -21.32
C SER A 123 4.90 -25.79 -21.45
N PRO A 124 4.39 -25.97 -22.69
CA PRO A 124 2.98 -25.81 -22.88
C PRO A 124 2.08 -26.85 -22.17
N PHE A 125 2.66 -27.92 -21.63
CA PHE A 125 1.88 -28.79 -20.73
C PHE A 125 1.09 -27.95 -19.71
N PHE A 126 1.67 -26.83 -19.25
CA PHE A 126 1.01 -26.03 -18.18
C PHE A 126 -0.02 -25.02 -18.71
N ASP A 127 -0.21 -24.89 -20.01
CA ASP A 127 -1.15 -23.93 -20.57
C ASP A 127 -2.55 -24.22 -19.99
N LEU A 128 -3.24 -23.16 -19.56
CA LEU A 128 -4.58 -23.27 -18.95
C LEU A 128 -4.67 -24.14 -17.68
N LYS A 129 -3.56 -24.40 -16.99
CA LYS A 129 -3.54 -25.24 -15.79
C LYS A 129 -2.95 -24.45 -14.59
N PRO A 130 -3.32 -24.85 -13.36
CA PRO A 130 -2.66 -24.33 -12.17
C PRO A 130 -1.21 -24.80 -12.07
N PHE A 131 -0.37 -24.06 -11.32
CA PHE A 131 0.94 -24.55 -10.98
C PHE A 131 1.61 -23.66 -9.97
N GLN A 132 2.50 -24.26 -9.17
CA GLN A 132 3.40 -23.50 -8.27
C GLN A 132 4.79 -24.06 -8.54
N VAL A 133 5.66 -23.22 -9.09
CA VAL A 133 6.89 -23.74 -9.65
C VAL A 133 7.81 -24.43 -8.64
N PHE A 134 8.07 -23.69 -7.59
CA PHE A 134 8.96 -24.13 -6.51
C PHE A 134 8.17 -24.11 -5.23
N VAL A 135 8.11 -25.23 -4.52
CA VAL A 135 7.26 -25.39 -3.34
C VAL A 135 8.08 -25.92 -2.19
N GLY A 136 7.98 -25.23 -1.06
CA GLY A 136 8.72 -25.62 0.14
C GLY A 136 7.93 -26.34 1.19
N PHE A 137 6.61 -26.44 1.03
CA PHE A 137 5.79 -27.36 1.85
C PHE A 137 6.22 -28.79 1.50
N ASP A 138 6.13 -29.65 2.48
CA ASP A 138 6.38 -31.09 2.26
C ASP A 138 5.15 -32.00 2.46
N ASN A 139 3.95 -31.38 2.42
CA ASN A 139 2.70 -32.04 2.67
C ASN A 139 1.59 -31.23 1.97
N GLY A 140 0.60 -31.93 1.45
CA GLY A 140 -0.44 -31.28 0.78
C GLY A 140 -1.28 -30.38 1.67
N ASP A 141 -1.29 -30.70 2.97
CA ASP A 141 -1.97 -29.92 4.01
C ASP A 141 -0.87 -29.05 4.61
N PRO A 142 -0.93 -27.73 4.43
CA PRO A 142 0.08 -26.87 5.03
C PRO A 142 0.19 -27.00 6.56
N ALA A 143 -0.96 -27.28 7.21
CA ALA A 143 -0.96 -27.49 8.67
C ALA A 143 -0.13 -28.68 9.10
N SER A 144 0.03 -29.66 8.20
CA SER A 144 0.74 -30.89 8.50
C SER A 144 2.13 -30.87 7.93
N SER A 145 2.51 -29.78 7.24
CA SER A 145 3.82 -29.62 6.67
C SER A 145 4.93 -29.34 7.69
N GLY A 146 6.09 -29.91 7.37
CA GLY A 146 7.33 -29.54 8.01
C GLY A 146 7.78 -28.14 7.50
N ASN A 147 8.90 -27.70 8.03
CA ASN A 147 9.44 -26.36 7.71
C ASN A 147 10.40 -26.49 6.54
N LEU A 148 10.65 -25.34 5.89
CA LEU A 148 11.71 -25.16 4.93
C LEU A 148 12.66 -24.15 5.56
N GLU A 149 13.93 -24.51 5.79
CA GLU A 149 14.89 -23.57 6.39
C GLU A 149 16.11 -23.34 5.52
N ASN A 150 16.65 -22.14 5.52
CA ASN A 150 17.94 -21.90 4.93
C ASN A 150 17.97 -22.22 3.48
N CYS A 151 16.97 -21.72 2.75
CA CYS A 151 16.87 -21.97 1.28
C CYS A 151 16.86 -20.66 0.54
N HIS A 152 17.94 -20.45 -0.23
CA HIS A 152 18.10 -19.23 -0.99
C HIS A 152 18.16 -19.49 -2.46
N ILE A 153 17.38 -18.73 -3.23
CA ILE A 153 17.41 -18.77 -4.66
C ILE A 153 17.99 -17.45 -5.14
N TYR A 154 19.04 -17.46 -5.98
CA TYR A 154 19.71 -16.21 -6.35
C TYR A 154 20.40 -16.39 -7.69
N GLY A 155 20.73 -15.27 -8.28
CA GLY A 155 21.47 -15.27 -9.53
C GLY A 155 21.00 -14.26 -10.50
N HIS A 156 21.57 -14.35 -11.71
CA HIS A 156 21.29 -13.43 -12.74
C HIS A 156 20.22 -13.97 -13.74
N GLY A 157 19.69 -15.12 -13.39
CA GLY A 157 18.79 -15.83 -14.27
C GLY A 157 17.33 -15.44 -14.19
N VAL A 158 16.53 -16.28 -14.87
CA VAL A 158 15.18 -15.91 -15.21
C VAL A 158 14.25 -17.08 -14.99
N VAL A 159 13.04 -16.79 -14.46
CA VAL A 159 11.90 -17.70 -14.46
C VAL A 159 10.82 -17.17 -15.34
N ASP A 160 10.51 -17.89 -16.41
CA ASP A 160 9.65 -17.44 -17.46
C ASP A 160 8.39 -18.35 -17.45
N PHE A 161 7.20 -17.75 -17.27
CA PHE A 161 6.00 -18.56 -17.07
C PHE A 161 5.29 -18.87 -18.41
N GLY A 162 5.92 -18.59 -19.54
CA GLY A 162 5.48 -19.09 -20.83
C GLY A 162 4.40 -18.37 -21.51
N GLY A 163 3.90 -17.30 -20.84
CA GLY A 163 2.87 -16.46 -21.43
C GLY A 163 1.49 -17.07 -21.30
N TYR A 164 1.35 -18.24 -20.71
CA TYR A 164 0.04 -18.96 -20.80
C TYR A 164 -0.99 -18.32 -19.90
N GLU A 165 -2.22 -18.22 -20.38
CA GLU A 165 -3.30 -17.63 -19.60
C GLU A 165 -3.78 -18.67 -18.62
N PHE A 166 -4.44 -18.18 -17.58
CA PHE A 166 -5.20 -19.05 -16.68
C PHE A 166 -6.32 -19.73 -17.50
N GLY A 167 -6.62 -20.95 -17.10
CA GLY A 167 -7.78 -21.63 -17.66
C GLY A 167 -9.11 -21.37 -16.97
N ALA A 168 -9.07 -21.10 -15.69
CA ALA A 168 -10.27 -20.77 -14.92
C ALA A 168 -9.87 -19.80 -13.79
N SER A 169 -10.75 -18.89 -13.45
N SER A 169 -10.75 -18.89 -13.45
CA SER A 169 -10.44 -17.92 -12.42
CA SER A 169 -10.45 -17.92 -12.40
C SER A 169 -10.15 -18.53 -11.05
C SER A 169 -10.14 -18.54 -11.06
N SER A 170 -10.71 -19.68 -10.78
CA SER A 170 -10.48 -20.41 -9.54
C SER A 170 -9.13 -21.06 -9.41
N GLN A 171 -8.36 -21.15 -10.49
CA GLN A 171 -7.01 -21.69 -10.41
C GLN A 171 -6.03 -20.78 -9.67
N LEU A 172 -4.98 -21.37 -9.13
CA LEU A 172 -3.91 -20.58 -8.50
C LEU A 172 -2.60 -20.89 -9.22
N ARG A 173 -1.76 -19.84 -9.30
CA ARG A 173 -0.43 -20.00 -9.89
C ARG A 173 0.57 -19.18 -9.12
N ASN A 174 1.77 -19.72 -8.92
CA ASN A 174 2.85 -19.11 -8.14
C ASN A 174 4.17 -19.47 -8.73
N GLY A 175 5.19 -18.61 -8.47
CA GLY A 175 6.59 -18.90 -8.85
C GLY A 175 7.26 -19.69 -7.70
N VAL A 176 7.47 -19.06 -6.53
CA VAL A 176 8.07 -19.65 -5.35
C VAL A 176 7.16 -19.58 -4.16
N ALA A 177 6.79 -20.75 -3.63
CA ALA A 177 6.09 -20.80 -2.35
C ALA A 177 7.03 -21.36 -1.34
N PHE A 178 7.65 -20.55 -0.52
CA PHE A 178 8.63 -21.10 0.41
C PHE A 178 8.00 -21.99 1.49
N GLY A 179 6.71 -21.79 1.79
CA GLY A 179 6.03 -22.65 2.73
C GLY A 179 6.20 -22.11 4.14
N ARG A 180 6.36 -23.01 5.11
CA ARG A 180 6.61 -22.62 6.53
C ARG A 180 8.11 -22.37 6.62
N SER A 181 8.46 -21.14 6.24
CA SER A 181 9.80 -20.83 5.78
C SER A 181 10.58 -19.97 6.74
N TYR A 182 11.79 -20.43 7.04
CA TYR A 182 12.68 -19.79 8.04
C TYR A 182 14.03 -19.53 7.40
N ASN A 183 14.44 -18.24 7.33
CA ASN A 183 15.69 -17.87 6.67
C ASN A 183 15.75 -18.35 5.20
N CYS A 184 14.80 -17.89 4.41
CA CYS A 184 14.74 -18.15 2.99
C CYS A 184 14.74 -16.81 2.23
N SER A 185 15.22 -16.84 1.01
CA SER A 185 15.28 -15.61 0.26
C SER A 185 15.32 -15.80 -1.25
N VAL A 186 14.90 -14.79 -2.02
CA VAL A 186 15.10 -14.76 -3.46
C VAL A 186 15.79 -13.44 -3.78
N THR A 187 16.90 -13.52 -4.50
CA THR A 187 17.74 -12.34 -4.79
C THR A 187 18.15 -12.34 -6.27
N GLY A 188 17.89 -11.25 -6.96
CA GLY A 188 18.46 -11.05 -8.29
C GLY A 188 17.67 -11.61 -9.46
N ILE A 189 16.65 -12.39 -9.20
CA ILE A 189 15.96 -13.19 -10.23
C ILE A 189 14.94 -12.31 -10.97
N THR A 190 14.84 -12.52 -12.28
CA THR A 190 13.72 -11.97 -13.04
C THR A 190 12.62 -12.98 -13.24
N PHE A 191 11.39 -12.62 -12.82
CA PHE A 191 10.20 -13.43 -13.05
C PHE A 191 9.39 -12.71 -14.09
N GLN A 192 9.05 -13.38 -15.19
CA GLN A 192 8.42 -12.69 -16.33
C GLN A 192 7.44 -13.51 -17.13
N ASN A 193 6.59 -12.81 -17.88
N ASN A 193 6.62 -12.81 -17.89
CA ASN A 193 5.81 -13.42 -18.97
CA ASN A 193 5.77 -13.40 -18.98
C ASN A 193 4.81 -14.47 -18.44
C ASN A 193 4.76 -14.44 -18.52
N GLY A 194 3.82 -14.03 -17.68
CA GLY A 194 2.86 -14.97 -17.16
C GLY A 194 1.49 -14.41 -16.86
N ASP A 195 0.63 -15.29 -16.37
CA ASP A 195 -0.68 -14.92 -15.86
C ASP A 195 -0.77 -15.73 -14.56
N VAL A 196 -0.36 -15.08 -13.46
CA VAL A 196 -0.23 -15.81 -12.22
C VAL A 196 -0.90 -15.04 -11.04
N THR A 197 -1.09 -15.76 -9.91
CA THR A 197 -1.68 -15.18 -8.77
C THR A 197 -0.63 -14.45 -7.91
N TRP A 198 0.52 -15.10 -7.72
CA TRP A 198 1.67 -14.51 -7.04
C TRP A 198 2.89 -14.92 -7.84
N ALA A 199 3.98 -14.15 -7.70
CA ALA A 199 5.32 -14.63 -8.09
C ALA A 199 6.00 -15.35 -6.91
N ILE A 200 5.93 -14.78 -5.70
CA ILE A 200 6.59 -15.32 -4.54
C ILE A 200 5.65 -15.20 -3.33
N THR A 201 5.61 -16.26 -2.52
CA THR A 201 4.90 -16.20 -1.24
C THR A 201 5.88 -16.63 -0.16
N LEU A 202 5.88 -15.91 0.96
CA LEU A 202 6.78 -16.12 2.07
C LEU A 202 5.95 -16.58 3.25
N GLY A 203 6.32 -17.68 3.90
CA GLY A 203 5.58 -18.03 5.08
C GLY A 203 4.22 -18.72 4.83
N TRP A 204 3.56 -19.14 5.92
CA TRP A 204 2.22 -19.69 5.82
C TRP A 204 1.51 -19.37 7.13
N ASN A 205 0.52 -18.48 7.06
CA ASN A 205 -0.37 -18.15 8.18
C ASN A 205 0.42 -17.84 9.43
N GLY A 206 1.48 -17.05 9.22
CA GLY A 206 2.29 -16.59 10.38
C GLY A 206 3.43 -17.49 10.80
N TYR A 207 3.51 -18.69 10.23
CA TYR A 207 4.66 -19.56 10.43
C TYR A 207 5.76 -19.22 9.44
N GLY A 208 6.97 -19.04 9.96
CA GLY A 208 8.14 -18.60 9.18
C GLY A 208 8.82 -17.43 9.86
N SER A 209 9.98 -17.03 9.30
CA SER A 209 10.69 -15.87 9.82
C SER A 209 11.86 -15.54 8.90
N ASN A 210 12.27 -14.28 8.86
CA ASN A 210 13.49 -13.91 8.14
C ASN A 210 13.47 -14.43 6.69
N CYS A 211 12.43 -14.08 5.97
CA CYS A 211 12.32 -14.31 4.57
C CYS A 211 12.29 -13.02 3.78
N TYR A 212 13.04 -12.99 2.68
CA TYR A 212 13.29 -11.71 1.99
C TYR A 212 13.30 -11.84 0.48
N VAL A 213 12.86 -10.79 -0.19
CA VAL A 213 12.91 -10.67 -1.63
C VAL A 213 13.69 -9.40 -1.94
N ARG A 214 14.82 -9.51 -2.63
CA ARG A 214 15.73 -8.40 -2.80
C ARG A 214 16.24 -8.36 -4.22
N LYS A 215 16.20 -7.17 -4.84
CA LYS A 215 16.83 -6.96 -6.16
C LYS A 215 16.25 -7.88 -7.22
N CYS A 216 14.98 -8.24 -7.11
CA CYS A 216 14.29 -9.02 -8.12
C CYS A 216 13.47 -8.14 -8.99
N ARG A 217 13.23 -8.67 -10.19
CA ARG A 217 12.37 -8.00 -11.19
C ARG A 217 11.14 -8.88 -11.47
N PHE A 218 9.98 -8.24 -11.60
CA PHE A 218 8.72 -8.91 -11.89
C PHE A 218 8.06 -8.15 -13.05
N ILE A 219 7.97 -8.86 -14.16
CA ILE A 219 7.63 -8.18 -15.41
C ILE A 219 6.50 -8.92 -16.13
N ASN A 220 5.35 -8.27 -16.28
CA ASN A 220 4.26 -8.80 -17.10
C ASN A 220 3.75 -10.12 -16.62
N LEU A 221 3.22 -10.12 -15.38
CA LEU A 221 2.76 -11.33 -14.74
C LEU A 221 1.26 -11.48 -14.63
N VAL A 222 0.49 -10.60 -15.29
CA VAL A 222 -0.95 -10.71 -15.46
C VAL A 222 -1.22 -10.43 -16.93
N ASN A 223 -2.03 -11.26 -17.59
CA ASN A 223 -2.28 -11.07 -19.03
C ASN A 223 -3.69 -11.38 -19.53
N SER A 224 -4.61 -11.75 -18.63
CA SER A 224 -5.92 -12.14 -19.09
C SER A 224 -7.03 -11.70 -18.18
N SER A 225 -8.23 -11.69 -18.74
CA SER A 225 -9.48 -11.43 -17.97
C SER A 225 -9.85 -12.58 -17.06
N VAL A 226 -9.27 -13.76 -17.25
CA VAL A 226 -9.62 -14.90 -16.40
C VAL A 226 -8.99 -14.72 -15.04
N ASN A 227 -7.81 -14.11 -14.99
CA ASN A 227 -7.02 -14.01 -13.76
C ASN A 227 -7.91 -13.29 -12.72
N ALA A 228 -8.17 -13.96 -11.61
CA ALA A 228 -9.06 -13.40 -10.57
C ALA A 228 -8.46 -12.26 -9.77
N ASP A 229 -7.16 -12.35 -9.47
CA ASP A 229 -6.50 -11.50 -8.47
C ASP A 229 -5.03 -11.78 -8.51
N HIS A 230 -4.25 -10.76 -8.19
CA HIS A 230 -2.80 -10.91 -8.18
C HIS A 230 -2.11 -10.06 -7.13
N SER A 231 -1.19 -10.66 -6.37
N SER A 231 -1.18 -10.67 -6.40
CA SER A 231 -0.27 -9.90 -5.50
CA SER A 231 -0.28 -9.92 -5.51
C SER A 231 1.14 -10.44 -5.76
C SER A 231 1.14 -10.44 -5.76
N THR A 232 2.07 -9.63 -6.29
CA THR A 232 3.28 -10.21 -6.75
C THR A 232 4.11 -10.93 -5.65
N VAL A 233 4.20 -10.30 -4.48
CA VAL A 233 4.79 -10.95 -3.31
C VAL A 233 3.81 -10.90 -2.15
N TYR A 234 3.58 -12.06 -1.53
CA TYR A 234 2.72 -12.18 -0.37
C TYR A 234 3.56 -12.57 0.83
N VAL A 235 3.59 -11.64 1.80
CA VAL A 235 4.47 -11.80 2.95
C VAL A 235 3.61 -12.29 4.13
N ASN A 236 3.72 -13.59 4.44
CA ASN A 236 2.84 -14.24 5.39
C ASN A 236 3.62 -14.88 6.58
N CYS A 237 4.81 -14.29 6.86
CA CYS A 237 5.54 -14.62 8.06
C CYS A 237 6.19 -13.33 8.59
N PRO A 238 6.43 -13.25 9.89
CA PRO A 238 7.04 -12.01 10.46
C PRO A 238 8.52 -11.88 10.13
N TYR A 239 9.04 -10.71 10.48
CA TYR A 239 10.49 -10.41 10.36
C TYR A 239 11.05 -10.67 8.96
N SER A 240 10.25 -10.18 7.98
CA SER A 240 10.41 -10.55 6.52
C SER A 240 10.03 -9.31 5.68
N GLY A 241 10.48 -9.26 4.47
CA GLY A 241 10.14 -8.13 3.63
C GLY A 241 10.70 -8.17 2.24
N VAL A 242 10.41 -7.06 1.56
CA VAL A 242 10.77 -6.82 0.19
C VAL A 242 11.57 -5.54 0.07
N GLU A 243 12.73 -5.59 -0.59
CA GLU A 243 13.52 -4.38 -0.76
C GLU A 243 14.21 -4.30 -2.11
N SER A 244 14.21 -3.12 -2.67
CA SER A 244 15.02 -2.80 -3.89
C SER A 244 14.58 -3.70 -5.04
N CYS A 245 13.29 -3.84 -5.27
CA CYS A 245 12.75 -4.62 -6.37
C CYS A 245 12.11 -3.73 -7.43
N TYR A 246 11.85 -4.34 -8.56
CA TYR A 246 11.22 -3.64 -9.71
C TYR A 246 10.00 -4.44 -10.12
N PHE A 247 8.88 -3.75 -10.27
CA PHE A 247 7.63 -4.41 -10.63
C PHE A 247 7.00 -3.67 -11.83
N SER A 248 6.70 -4.38 -12.91
CA SER A 248 6.08 -3.76 -14.05
C SER A 248 5.02 -4.62 -14.69
N MET A 249 3.91 -4.01 -15.03
CA MET A 249 2.83 -4.63 -15.78
C MET A 249 2.49 -3.75 -16.96
N SER A 250 2.02 -4.39 -18.03
CA SER A 250 1.57 -3.65 -19.22
C SER A 250 0.14 -3.93 -19.57
N SER A 251 -0.48 -4.99 -19.01
N SER A 251 -0.46 -4.98 -18.98
CA SER A 251 -1.82 -5.34 -19.43
CA SER A 251 -1.82 -5.41 -19.34
C SER A 251 -2.86 -4.43 -18.79
C SER A 251 -2.87 -4.46 -18.76
N SER A 252 -3.97 -4.28 -19.49
CA SER A 252 -5.11 -3.54 -18.94
C SER A 252 -5.61 -4.21 -17.67
N PHE A 253 -5.58 -5.55 -17.67
CA PHE A 253 -6.18 -6.31 -16.54
C PHE A 253 -5.39 -6.01 -15.26
N ALA A 254 -4.10 -5.83 -15.36
CA ALA A 254 -3.29 -5.59 -14.21
C ALA A 254 -3.72 -4.29 -13.55
N ARG A 255 -4.19 -3.31 -14.31
CA ARG A 255 -4.58 -2.01 -13.71
C ARG A 255 -5.78 -2.09 -12.88
N ASN A 256 -6.51 -3.21 -12.96
CA ASN A 256 -7.73 -3.43 -12.18
C ASN A 256 -7.57 -4.45 -11.14
N ILE A 257 -6.63 -5.39 -11.27
CA ILE A 257 -6.53 -6.51 -10.28
C ILE A 257 -5.21 -6.63 -9.54
N ALA A 258 -4.09 -6.06 -10.03
CA ALA A 258 -2.76 -6.46 -9.51
C ALA A 258 -2.25 -5.50 -8.43
N CYS A 259 -1.69 -6.10 -7.39
N CYS A 259 -1.73 -6.07 -7.34
CA CYS A 259 -1.00 -5.41 -6.32
CA CYS A 259 -0.98 -5.31 -6.34
C CYS A 259 0.45 -5.85 -6.30
C CYS A 259 0.44 -5.86 -6.21
N SER A 260 1.41 -5.00 -5.94
CA SER A 260 2.77 -5.42 -5.88
C SER A 260 3.15 -6.29 -4.69
N VAL A 261 2.69 -5.92 -3.47
CA VAL A 261 3.13 -6.59 -2.27
C VAL A 261 1.95 -6.67 -1.31
N ALA A 262 1.86 -7.72 -0.53
CA ALA A 262 0.94 -7.86 0.58
C ALA A 262 1.69 -8.14 1.83
N LEU A 263 1.63 -7.22 2.79
CA LEU A 263 2.27 -7.43 4.08
C LEU A 263 1.23 -7.85 5.11
N HIS A 264 1.35 -9.11 5.62
CA HIS A 264 0.29 -9.69 6.35
C HIS A 264 0.69 -10.23 7.75
N GLN A 265 1.93 -9.94 8.21
CA GLN A 265 2.31 -10.31 9.56
C GLN A 265 3.24 -9.23 10.12
N HIS A 266 3.52 -9.28 11.42
CA HIS A 266 4.22 -8.21 12.12
C HIS A 266 5.68 -8.16 11.70
N ASP A 267 6.26 -6.98 11.90
CA ASP A 267 7.69 -6.79 11.63
C ASP A 267 8.00 -7.08 10.17
N THR A 268 7.21 -6.50 9.26
CA THR A 268 7.42 -6.69 7.83
C THR A 268 7.50 -5.38 7.12
N PHE A 269 8.19 -5.37 6.00
CA PHE A 269 8.55 -4.19 5.31
C PHE A 269 8.51 -4.28 3.78
N TYR A 270 8.36 -3.16 3.14
CA TYR A 270 8.39 -2.96 1.69
C TYR A 270 9.11 -1.64 1.44
N ARG A 271 10.31 -1.71 0.88
N ARG A 271 10.34 -1.69 0.94
CA ARG A 271 11.20 -0.55 0.82
CA ARG A 271 11.10 -0.46 0.79
C ARG A 271 11.89 -0.41 -0.52
C ARG A 271 11.87 -0.40 -0.51
N GLY A 272 12.16 0.83 -0.92
CA GLY A 272 13.13 1.09 -2.00
C GLY A 272 12.77 0.47 -3.33
N SER A 273 11.48 0.23 -3.63
CA SER A 273 11.13 -0.47 -4.85
C SER A 273 10.41 0.47 -5.82
N THR A 274 10.36 0.07 -7.10
CA THR A 274 9.71 0.81 -8.16
C THR A 274 8.62 -0.05 -8.75
N VAL A 275 7.43 0.56 -8.89
CA VAL A 275 6.23 -0.08 -9.42
C VAL A 275 5.72 0.74 -10.60
N ASN A 276 5.30 0.04 -11.67
CA ASN A 276 4.60 0.66 -12.80
C ASN A 276 3.52 -0.27 -13.33
N GLY A 277 2.33 0.24 -13.57
CA GLY A 277 1.34 -0.45 -14.33
C GLY A 277 0.40 -1.26 -13.44
N TYR A 278 0.50 -1.17 -12.14
CA TYR A 278 -0.30 -1.97 -11.24
C TYR A 278 -1.54 -1.21 -10.78
N CYS A 279 -2.54 -1.95 -10.34
CA CYS A 279 -3.69 -1.34 -9.63
C CYS A 279 -3.27 -0.76 -8.28
N ARG A 280 -2.53 -1.57 -7.53
CA ARG A 280 -2.27 -1.26 -6.14
C ARG A 280 -0.80 -1.44 -5.79
N GLY A 281 -0.35 -0.68 -4.77
CA GLY A 281 1.05 -0.76 -4.30
C GLY A 281 1.21 -1.88 -3.24
N ALA A 282 0.63 -1.70 -2.08
CA ALA A 282 0.78 -2.67 -1.01
C ALA A 282 -0.47 -2.76 -0.17
N TYR A 283 -0.92 -3.98 0.08
CA TYR A 283 -1.84 -4.22 1.19
C TYR A 283 -1.03 -4.36 2.49
N VAL A 284 -1.61 -3.81 3.57
CA VAL A 284 -1.05 -3.95 4.92
C VAL A 284 -2.26 -4.39 5.74
N VAL A 285 -2.34 -5.66 6.08
CA VAL A 285 -3.60 -6.29 6.55
C VAL A 285 -3.32 -7.36 7.60
N MET A 286 -4.11 -7.41 8.66
CA MET A 286 -4.15 -8.57 9.50
C MET A 286 -5.42 -9.35 9.28
N HIS A 287 -5.33 -10.53 8.62
CA HIS A 287 -6.50 -11.40 8.44
C HIS A 287 -6.52 -12.31 9.66
N ALA A 288 -7.63 -12.31 10.40
CA ALA A 288 -7.81 -13.26 11.47
C ALA A 288 -7.59 -14.71 11.02
N ALA A 289 -7.93 -15.01 9.77
CA ALA A 289 -7.79 -16.39 9.28
C ALA A 289 -6.33 -16.80 9.10
N GLU A 290 -5.40 -15.84 9.18
CA GLU A 290 -3.93 -16.05 9.01
C GLU A 290 -3.12 -15.93 10.31
N ALA A 291 -3.83 -15.90 11.43
CA ALA A 291 -3.24 -15.59 12.73
C ALA A 291 -2.56 -16.71 13.52
N ALA A 292 -2.49 -17.91 12.94
CA ALA A 292 -2.06 -19.04 13.67
C ALA A 292 -0.61 -19.01 14.18
N GLY A 293 0.32 -18.62 13.30
CA GLY A 293 1.72 -18.74 13.66
C GLY A 293 2.41 -17.63 14.42
N ALA A 294 1.88 -16.42 14.36
CA ALA A 294 2.56 -15.26 14.90
C ALA A 294 1.63 -14.32 15.65
N GLY A 295 0.46 -14.81 16.03
CA GLY A 295 -0.53 -13.98 16.72
C GLY A 295 -1.48 -13.19 15.86
N SER A 296 -2.44 -12.48 16.51
N SER A 296 -2.37 -12.46 16.58
CA SER A 296 -3.50 -11.79 15.74
CA SER A 296 -3.54 -11.79 16.01
C SER A 296 -3.29 -10.31 15.55
C SER A 296 -3.30 -10.32 15.62
N TYR A 297 -2.07 -9.85 15.75
CA TYR A 297 -1.70 -8.50 15.58
C TYR A 297 -0.66 -8.36 14.50
N ALA A 298 -0.93 -7.49 13.53
CA ALA A 298 0.07 -6.99 12.56
C ALA A 298 0.52 -5.61 13.05
N TYR A 299 1.75 -5.56 13.49
CA TYR A 299 2.40 -4.39 14.04
C TYR A 299 3.78 -4.26 13.50
N ASN A 300 4.35 -3.05 13.53
CA ASN A 300 5.69 -2.79 12.95
C ASN A 300 5.71 -3.10 11.48
N MET A 301 4.83 -2.39 10.77
CA MET A 301 4.62 -2.54 9.35
C MET A 301 5.20 -1.28 8.70
N GLN A 302 6.11 -1.45 7.73
CA GLN A 302 6.86 -0.33 7.13
C GLN A 302 6.74 -0.32 5.61
N VAL A 303 6.24 0.77 5.05
CA VAL A 303 6.22 0.97 3.61
C VAL A 303 6.98 2.29 3.36
N GLU A 304 8.21 2.22 2.82
N GLU A 304 8.17 2.25 2.79
CA GLU A 304 9.10 3.37 2.80
CA GLU A 304 8.96 3.45 2.75
C GLU A 304 9.91 3.50 1.52
C GLU A 304 9.83 3.50 1.52
N ASN A 305 9.99 4.72 1.04
CA ASN A 305 10.99 5.08 0.00
C ASN A 305 10.75 4.32 -1.31
N ASN A 306 9.48 4.06 -1.65
CA ASN A 306 9.10 3.47 -2.95
C ASN A 306 8.70 4.52 -3.97
N ILE A 307 8.76 4.10 -5.21
CA ILE A 307 8.40 4.92 -6.33
C ILE A 307 7.27 4.16 -7.07
N ALA A 308 6.13 4.81 -7.35
CA ALA A 308 5.03 4.04 -7.95
C ALA A 308 4.19 4.84 -8.88
N VAL A 309 3.82 4.22 -10.00
CA VAL A 309 2.70 4.66 -10.87
C VAL A 309 1.70 3.54 -10.85
N ILE A 310 0.54 3.85 -10.27
CA ILE A 310 -0.51 2.89 -10.09
C ILE A 310 -1.83 3.44 -10.64
N TYR A 311 -2.89 2.62 -10.65
CA TYR A 311 -4.15 3.11 -11.20
C TYR A 311 -5.26 3.15 -10.16
N GLY A 312 -5.09 2.43 -9.07
CA GLY A 312 -6.02 2.36 -7.93
C GLY A 312 -5.43 2.97 -6.66
N GLN A 313 -5.15 2.16 -5.65
CA GLN A 313 -4.66 2.69 -4.38
C GLN A 313 -3.26 2.28 -4.03
N PHE A 314 -2.49 3.19 -3.41
CA PHE A 314 -1.11 2.89 -3.09
C PHE A 314 -0.97 1.92 -1.92
N VAL A 315 -1.50 2.28 -0.75
CA VAL A 315 -1.49 1.45 0.46
C VAL A 315 -2.89 1.25 0.89
N ILE A 316 -3.22 0.00 1.14
CA ILE A 316 -4.53 -0.42 1.60
C ILE A 316 -4.44 -1.09 2.95
N LEU A 317 -5.12 -0.52 3.95
CA LEU A 317 -5.13 -1.04 5.32
C LEU A 317 -6.37 -1.89 5.58
N GLY A 318 -6.20 -2.91 6.41
CA GLY A 318 -7.33 -3.76 6.74
C GLY A 318 -7.05 -4.61 7.96
N SER A 319 -8.16 -4.99 8.62
CA SER A 319 -8.13 -6.06 9.59
C SER A 319 -9.53 -6.64 9.67
N ASP A 320 -9.64 -7.90 10.11
CA ASP A 320 -10.91 -8.56 10.14
C ASP A 320 -10.95 -9.63 11.25
N VAL A 321 -12.08 -10.35 11.31
CA VAL A 321 -12.41 -11.33 12.29
C VAL A 321 -12.91 -12.63 11.67
N THR A 322 -12.71 -13.67 12.42
CA THR A 322 -13.34 -14.98 12.14
C THR A 322 -14.28 -15.23 13.29
N ALA A 323 -14.86 -16.43 13.34
CA ALA A 323 -15.76 -16.77 14.45
C ALA A 323 -15.02 -16.76 15.80
N THR A 324 -13.71 -17.09 15.78
CA THR A 324 -12.94 -17.14 17.06
C THR A 324 -11.73 -16.31 17.21
N VAL A 325 -11.33 -15.61 16.18
CA VAL A 325 -10.10 -14.80 16.27
C VAL A 325 -10.45 -13.40 15.77
N SER A 326 -9.86 -12.38 16.43
CA SER A 326 -10.02 -10.99 15.93
C SER A 326 -8.68 -10.45 15.53
N GLY A 327 -8.58 -9.98 14.29
CA GLY A 327 -7.29 -9.37 13.80
C GLY A 327 -7.21 -7.87 14.10
N HIS A 328 -5.97 -7.42 14.36
CA HIS A 328 -5.70 -6.04 14.72
C HIS A 328 -4.52 -5.55 13.90
N LEU A 329 -4.57 -4.30 13.49
CA LEU A 329 -3.46 -3.66 12.70
C LEU A 329 -3.08 -2.39 13.46
N ASN A 330 -1.82 -2.29 13.86
CA ASN A 330 -1.36 -1.07 14.52
C ASN A 330 0.11 -0.92 14.37
N ASP A 331 0.60 0.30 14.60
CA ASP A 331 2.06 0.58 14.56
C ASP A 331 2.56 0.36 13.13
N VAL A 332 2.08 1.24 12.26
CA VAL A 332 2.39 1.28 10.83
C VAL A 332 3.09 2.56 10.46
N ILE A 333 4.06 2.55 9.54
CA ILE A 333 4.66 3.80 9.02
C ILE A 333 4.69 3.74 7.51
N VAL A 334 4.23 4.79 6.87
CA VAL A 334 4.26 5.00 5.42
C VAL A 334 4.97 6.29 5.16
N SER A 335 6.23 6.22 4.72
N SER A 335 6.21 6.22 4.64
CA SER A 335 7.05 7.45 4.61
CA SER A 335 7.06 7.40 4.62
C SER A 335 7.95 7.42 3.40
C SER A 335 7.97 7.41 3.40
N GLY A 336 8.20 8.60 2.85
CA GLY A 336 9.22 8.76 1.80
C GLY A 336 8.81 8.27 0.42
N ASN A 337 7.53 7.87 0.24
CA ASN A 337 7.11 7.35 -1.05
C ASN A 337 6.72 8.48 -2.02
N ILE A 338 7.01 8.27 -3.29
CA ILE A 338 6.58 9.14 -4.32
C ILE A 338 5.68 8.38 -5.30
N VAL A 339 4.41 8.80 -5.39
CA VAL A 339 3.34 8.00 -5.98
C VAL A 339 2.47 8.86 -6.88
N SER A 340 2.05 8.30 -8.01
N SER A 340 2.17 8.35 -8.08
CA SER A 340 1.07 8.95 -8.84
CA SER A 340 1.21 8.96 -9.01
C SER A 340 0.11 7.95 -9.37
C SER A 340 0.13 7.94 -9.38
N ILE A 341 -1.07 8.46 -9.64
CA ILE A 341 -2.09 7.74 -10.43
C ILE A 341 -1.69 7.99 -11.92
N GLY A 342 -1.49 6.92 -12.66
CA GLY A 342 -1.15 7.03 -14.07
C GLY A 342 -2.31 7.62 -14.87
N GLU A 343 -1.98 8.08 -16.08
CA GLU A 343 -2.92 8.67 -16.96
C GLU A 343 -4.06 7.69 -17.25
N ARG A 344 -5.29 8.13 -16.92
CA ARG A 344 -6.50 7.29 -17.18
C ARG A 344 -7.71 8.20 -17.07
N ALA A 345 -8.85 7.74 -17.69
CA ALA A 345 -10.12 8.42 -17.46
C ALA A 345 -10.62 8.26 -16.05
N ALA A 346 -11.38 9.26 -15.60
CA ALA A 346 -12.02 9.18 -14.32
C ALA A 346 -12.89 7.92 -14.33
N PHE A 347 -12.85 7.24 -13.19
CA PHE A 347 -13.74 6.08 -12.91
C PHE A 347 -13.43 4.82 -13.73
N SER A 348 -12.29 4.84 -14.42
N SER A 348 -12.28 4.83 -14.41
CA SER A 348 -11.94 3.72 -15.32
CA SER A 348 -11.90 3.74 -15.32
C SER A 348 -11.14 2.59 -14.64
C SER A 348 -11.13 2.60 -14.64
N ALA A 349 -10.73 2.81 -13.40
CA ALA A 349 -10.08 1.79 -12.58
C ALA A 349 -10.58 2.02 -11.14
N PRO A 350 -10.24 1.14 -10.19
CA PRO A 350 -10.64 1.35 -8.83
C PRO A 350 -10.19 2.74 -8.31
N PHE A 351 -11.05 3.29 -7.41
CA PHE A 351 -10.95 4.69 -6.98
C PHE A 351 -9.55 5.01 -6.51
N GLY A 352 -8.98 6.04 -7.15
CA GLY A 352 -7.60 6.42 -6.85
C GLY A 352 -7.34 6.91 -5.42
N ALA A 353 -6.29 6.43 -4.76
CA ALA A 353 -6.08 6.89 -3.39
C ALA A 353 -4.61 6.65 -3.00
N PHE A 354 -4.08 7.47 -2.13
CA PHE A 354 -2.78 7.24 -1.51
C PHE A 354 -2.95 6.15 -0.47
N ILE A 355 -3.81 6.43 0.53
N ILE A 355 -3.90 6.34 0.43
CA ILE A 355 -4.24 5.47 1.61
CA ILE A 355 -4.16 5.30 1.40
C ILE A 355 -5.70 5.06 1.40
C ILE A 355 -5.65 5.04 1.39
N ASP A 356 -5.98 3.75 1.46
CA ASP A 356 -7.37 3.30 1.54
C ASP A 356 -7.59 2.56 2.82
N ILE A 357 -8.65 2.87 3.57
CA ILE A 357 -9.09 2.05 4.73
C ILE A 357 -10.19 1.20 4.18
N GLY A 358 -9.87 -0.06 3.88
CA GLY A 358 -10.80 -0.83 3.05
C GLY A 358 -11.58 -1.79 3.95
N PRO A 359 -12.79 -2.13 3.53
CA PRO A 359 -13.55 -3.20 4.16
C PRO A 359 -12.92 -4.58 4.06
N ASP A 360 -13.54 -5.54 4.74
CA ASP A 360 -13.06 -6.89 4.69
C ASP A 360 -13.45 -7.54 3.35
N ASN A 361 -13.09 -8.82 3.14
CA ASN A 361 -13.31 -9.46 1.87
C ASN A 361 -14.80 -9.69 1.60
N SER A 362 -15.65 -9.63 2.62
N SER A 362 -15.64 -9.62 2.61
CA SER A 362 -17.10 -9.72 2.41
CA SER A 362 -17.10 -9.72 2.41
C SER A 362 -17.77 -8.36 2.37
C SER A 362 -17.75 -8.36 2.21
N GLY A 363 -16.95 -7.30 2.34
CA GLY A 363 -17.46 -5.93 2.25
C GLY A 363 -17.85 -5.30 3.57
N ALA A 364 -17.61 -5.95 4.69
CA ALA A 364 -17.99 -5.40 5.99
C ALA A 364 -17.02 -4.32 6.42
N SER A 365 -17.62 -3.28 6.99
CA SER A 365 -16.87 -2.07 7.35
C SER A 365 -16.86 -1.85 8.84
N ASN A 366 -17.38 -2.83 9.59
CA ASN A 366 -17.59 -2.71 11.02
C ASN A 366 -16.85 -3.74 11.85
N VAL A 367 -15.78 -4.30 11.31
CA VAL A 367 -14.95 -5.36 11.98
C VAL A 367 -13.52 -4.92 12.19
N GLN A 368 -13.12 -3.76 11.67
CA GLN A 368 -11.73 -3.36 11.68
C GLN A 368 -11.23 -2.82 12.97
N ASP A 369 -9.95 -3.07 13.28
CA ASP A 369 -9.26 -2.46 14.44
C ASP A 369 -7.88 -1.95 14.01
N ILE A 370 -7.90 -0.77 13.37
CA ILE A 370 -6.73 -0.17 12.71
C ILE A 370 -6.42 1.13 13.45
N GLN A 371 -5.20 1.20 13.96
CA GLN A 371 -4.79 2.44 14.75
C GLN A 371 -3.28 2.59 14.75
N ARG A 372 -2.83 3.75 15.25
CA ARG A 372 -1.41 4.01 15.38
C ARG A 372 -0.70 3.84 14.05
N VAL A 373 -1.20 4.56 13.06
CA VAL A 373 -0.59 4.61 11.73
C VAL A 373 -0.04 6.00 11.49
N LEU A 374 1.21 6.12 11.02
CA LEU A 374 1.85 7.38 10.66
C LEU A 374 2.11 7.42 9.20
N VAL A 375 1.56 8.43 8.50
CA VAL A 375 1.77 8.69 7.07
C VAL A 375 2.46 10.00 7.00
N THR A 376 3.78 9.98 6.64
CA THR A 376 4.57 11.22 6.71
C THR A 376 5.60 11.31 5.59
N GLY A 377 5.77 12.53 5.07
CA GLY A 377 6.84 12.78 4.11
C GLY A 377 6.71 12.05 2.81
N ASN A 378 5.49 11.86 2.32
CA ASN A 378 5.22 11.28 0.99
C ASN A 378 4.67 12.36 0.06
N SER A 379 4.79 12.04 -1.21
N SER A 379 4.76 12.06 -1.21
CA SER A 379 4.17 12.83 -2.30
CA SER A 379 4.14 12.92 -2.25
C SER A 379 3.18 11.98 -3.06
C SER A 379 3.27 12.10 -3.17
N PHE A 380 2.05 12.59 -3.42
CA PHE A 380 1.02 11.92 -4.24
C PHE A 380 0.52 12.92 -5.27
N TYR A 381 0.40 12.47 -6.49
CA TYR A 381 -0.13 13.23 -7.60
C TYR A 381 -1.15 12.39 -8.38
N ALA A 382 -2.25 13.03 -8.78
CA ALA A 382 -3.16 12.49 -9.75
C ALA A 382 -3.47 13.55 -10.78
N PRO A 383 -3.50 13.20 -12.10
CA PRO A 383 -3.88 14.17 -13.10
C PRO A 383 -5.22 14.82 -12.87
N ALA A 384 -5.39 16.08 -13.36
CA ALA A 384 -6.58 16.88 -13.06
C ALA A 384 -7.91 16.28 -13.45
N ASN A 385 -7.93 15.42 -14.48
CA ASN A 385 -9.24 14.86 -14.89
C ASN A 385 -9.70 13.75 -13.97
N ILE A 386 -8.84 13.23 -13.10
CA ILE A 386 -9.21 12.05 -12.30
C ILE A 386 -10.02 12.43 -11.08
N THR A 387 -11.33 12.48 -11.30
CA THR A 387 -12.24 12.85 -10.23
C THR A 387 -12.09 11.93 -9.02
N ASP A 388 -11.90 10.62 -9.33
CA ASP A 388 -11.79 9.60 -8.31
C ASP A 388 -10.36 9.52 -7.88
N SER A 389 -9.88 10.52 -7.14
CA SER A 389 -8.54 10.51 -6.49
C SER A 389 -8.59 11.19 -5.17
N ALA A 390 -8.00 10.56 -4.16
CA ALA A 390 -8.05 11.06 -2.79
C ALA A 390 -6.75 10.79 -2.10
N ALA A 391 -6.38 11.68 -1.17
CA ALA A 391 -5.28 11.33 -0.24
C ALA A 391 -5.63 10.08 0.61
N ILE A 392 -6.87 10.08 1.14
CA ILE A 392 -7.34 8.92 1.87
C ILE A 392 -8.78 8.68 1.50
N THR A 393 -9.10 7.44 1.05
CA THR A 393 -10.45 6.98 0.99
C THR A 393 -10.74 6.15 2.28
N LEU A 394 -11.65 6.66 3.11
CA LEU A 394 -11.84 6.16 4.48
C LEU A 394 -13.17 5.46 4.44
N ARG A 395 -13.12 4.14 4.18
CA ARG A 395 -14.33 3.38 3.79
C ARG A 395 -14.77 2.39 4.84
N ALA A 396 -13.99 2.22 5.91
CA ALA A 396 -14.33 1.28 6.99
C ALA A 396 -13.89 1.93 8.30
N ASN A 397 -14.38 1.33 9.37
CA ASN A 397 -14.08 1.85 10.69
C ASN A 397 -12.58 2.07 10.90
N LEU A 398 -12.25 3.23 11.46
CA LEU A 398 -10.86 3.62 11.62
C LEU A 398 -10.65 4.01 13.11
N ASN A 399 -9.64 3.41 13.80
CA ASN A 399 -9.39 3.75 15.18
C ASN A 399 -8.17 4.72 15.31
N GLY A 400 -7.44 4.99 14.24
CA GLY A 400 -6.50 6.08 14.22
C GLY A 400 -5.63 6.06 12.99
N CYS A 401 -5.35 7.28 12.48
CA CYS A 401 -4.36 7.43 11.42
C CYS A 401 -3.89 8.88 11.47
N THR A 402 -2.58 9.08 11.37
CA THR A 402 -1.95 10.39 11.51
C THR A 402 -1.23 10.75 10.23
N PHE A 403 -1.54 11.92 9.71
CA PHE A 403 -0.86 12.46 8.51
C PHE A 403 -0.07 13.70 8.90
N ILE A 404 1.26 13.70 8.64
CA ILE A 404 2.11 14.84 8.91
C ILE A 404 3.04 15.07 7.71
N ALA A 405 3.15 16.31 7.25
CA ALA A 405 4.23 16.70 6.32
C ALA A 405 4.20 15.85 5.03
N ASN A 406 3.01 15.63 4.44
CA ASN A 406 2.85 15.06 3.10
C ASN A 406 2.52 16.16 2.11
N ASN A 407 2.64 15.85 0.83
CA ASN A 407 2.21 16.74 -0.22
C ASN A 407 1.24 15.96 -1.09
N PHE A 408 -0.05 16.31 -1.01
CA PHE A 408 -1.11 15.57 -1.71
C PHE A 408 -1.70 16.50 -2.80
N ASP A 409 -1.65 16.03 -4.06
CA ASP A 409 -2.10 16.83 -5.17
C ASP A 409 -3.05 16.00 -6.00
N CYS A 410 -4.33 16.01 -5.55
CA CYS A 410 -5.37 15.15 -6.14
C CYS A 410 -6.74 15.78 -5.90
N ARG A 411 -7.82 15.10 -6.28
CA ARG A 411 -9.10 15.77 -6.21
C ARG A 411 -9.61 16.01 -4.77
N TYR A 412 -9.63 14.94 -3.97
CA TYR A 412 -10.07 15.00 -2.59
C TYR A 412 -8.89 14.81 -1.66
N MET A 413 -9.02 15.41 -0.46
CA MET A 413 -8.09 15.07 0.64
C MET A 413 -8.67 13.85 1.37
N VAL A 414 -9.74 14.00 2.11
CA VAL A 414 -10.48 12.92 2.76
C VAL A 414 -11.77 12.68 1.97
N TYR A 415 -12.03 11.41 1.66
CA TYR A 415 -13.25 11.04 0.93
C TYR A 415 -13.83 9.73 1.44
N ASN A 416 -15.15 9.72 1.43
CA ASN A 416 -15.90 8.44 1.43
C ASN A 416 -17.17 8.71 0.69
N ALA A 417 -17.66 7.73 -0.06
CA ALA A 417 -18.87 7.90 -0.86
C ALA A 417 -20.09 7.97 0.02
N PRO A 418 -20.99 8.98 -0.31
CA PRO A 418 -22.25 9.12 0.38
C PRO A 418 -23.12 7.96 0.02
N GLY A 419 -24.01 7.62 0.95
CA GLY A 419 -24.96 6.57 0.72
C GLY A 419 -24.35 5.19 0.87
N THR A 420 -23.01 5.11 0.93
CA THR A 420 -22.36 3.77 1.05
C THR A 420 -22.26 3.26 2.50
N THR A 421 -21.03 3.03 2.96
CA THR A 421 -20.68 2.66 4.34
C THR A 421 -20.70 3.97 5.12
N SER A 422 -20.88 3.83 6.41
CA SER A 422 -20.82 4.96 7.28
C SER A 422 -19.82 4.53 8.34
N PRO A 423 -18.54 4.79 8.09
CA PRO A 423 -17.54 4.47 9.08
C PRO A 423 -17.61 5.21 10.35
N VAL A 424 -17.21 4.57 11.44
CA VAL A 424 -16.95 5.19 12.74
C VAL A 424 -15.50 5.60 12.77
N VAL A 425 -15.19 6.84 12.95
CA VAL A 425 -13.82 7.36 12.86
C VAL A 425 -13.38 7.90 14.17
N GLN A 426 -12.20 7.49 14.63
CA GLN A 426 -11.56 8.00 15.84
C GLN A 426 -10.11 8.32 15.56
N ASN A 427 -9.59 9.39 16.06
CA ASN A 427 -8.16 9.66 16.07
C ASN A 427 -7.62 9.85 14.62
N LEU A 428 -8.41 10.49 13.74
CA LEU A 428 -7.90 10.88 12.46
C LEU A 428 -7.22 12.22 12.64
N VAL A 429 -5.92 12.31 12.34
CA VAL A 429 -5.15 13.52 12.56
C VAL A 429 -4.55 13.99 11.24
N TRP A 430 -5.02 15.15 10.74
CA TRP A 430 -4.47 15.80 9.52
C TRP A 430 -3.83 17.10 9.96
N ASP A 431 -2.51 17.05 10.13
CA ASP A 431 -1.75 18.19 10.58
C ASP A 431 -1.71 19.30 9.52
N LYS A 432 -1.52 20.53 10.00
CA LYS A 432 -1.44 21.69 9.11
C LYS A 432 -0.29 21.63 8.13
N SER A 433 0.73 20.79 8.45
CA SER A 433 1.95 20.71 7.62
C SER A 433 1.70 19.88 6.36
N ASN A 434 0.52 19.28 6.19
CA ASN A 434 0.16 18.69 4.87
C ASN A 434 -0.19 19.70 3.89
N VAL A 435 0.55 19.68 2.76
CA VAL A 435 0.41 20.64 1.70
C VAL A 435 -0.52 20.08 0.66
N ILE A 436 -1.56 20.89 0.32
CA ILE A 436 -2.62 20.50 -0.58
C ILE A 436 -2.29 21.19 -1.95
N GLY A 437 -2.03 20.36 -3.01
CA GLY A 437 -1.64 20.91 -4.31
C GLY A 437 -2.80 21.49 -5.11
N GLY A 438 -2.41 22.08 -6.20
CA GLY A 438 -3.34 22.84 -7.02
C GLY A 438 -3.70 22.22 -8.36
N THR A 439 -3.29 21.01 -8.68
CA THR A 439 -3.56 20.42 -9.96
C THR A 439 -5.06 20.40 -10.25
N HIS A 440 -5.92 20.14 -9.24
CA HIS A 440 -7.34 19.98 -9.47
C HIS A 440 -8.14 21.32 -9.23
N ALA A 441 -7.43 22.45 -9.10
CA ALA A 441 -8.16 23.69 -8.97
C ALA A 441 -9.06 23.88 -10.20
N ASN A 442 -10.24 24.43 -9.96
CA ASN A 442 -11.22 24.69 -11.00
C ASN A 442 -11.99 23.45 -11.44
N GLN A 443 -11.68 22.27 -10.92
CA GLN A 443 -12.32 21.05 -11.30
C GLN A 443 -13.40 20.57 -10.31
N ARG A 444 -13.55 21.31 -9.19
CA ARG A 444 -14.28 20.79 -8.04
C ARG A 444 -15.72 21.28 -7.88
N ALA A 445 -16.38 21.70 -8.95
CA ALA A 445 -17.80 22.05 -8.84
C ALA A 445 -18.56 20.94 -8.13
N GLY A 446 -19.39 21.37 -7.17
CA GLY A 446 -20.21 20.47 -6.41
C GLY A 446 -19.55 19.53 -5.43
N GLN A 447 -18.26 19.69 -5.26
N GLN A 447 -18.27 19.72 -5.22
CA GLN A 447 -17.43 18.79 -4.45
CA GLN A 447 -17.49 18.82 -4.39
C GLN A 447 -16.88 19.46 -3.19
C GLN A 447 -16.87 19.47 -3.18
N ASN A 448 -16.72 18.65 -2.11
CA ASN A 448 -16.09 19.09 -0.91
C ASN A 448 -14.70 18.51 -0.79
N LEU A 449 -13.70 19.37 -0.58
CA LEU A 449 -12.32 18.89 -0.53
C LEU A 449 -12.09 17.81 0.48
N PHE A 450 -12.59 18.02 1.66
CA PHE A 450 -12.70 17.02 2.74
C PHE A 450 -14.17 16.66 2.90
N ASP A 451 -14.56 15.49 2.39
CA ASP A 451 -15.99 15.13 2.30
C ASP A 451 -16.24 14.12 3.40
N MET A 452 -16.75 14.56 4.55
CA MET A 452 -16.65 13.76 5.81
C MET A 452 -17.90 12.85 5.92
N GLN A 453 -18.01 11.90 5.02
CA GLN A 453 -19.26 11.04 4.86
C GLN A 453 -19.12 9.83 5.77
N PHE A 454 -19.20 10.14 7.07
CA PHE A 454 -18.97 9.16 8.14
C PHE A 454 -20.20 9.07 9.11
N ALA A 455 -20.30 7.98 9.87
CA ALA A 455 -21.26 7.92 10.96
C ALA A 455 -20.93 8.89 12.08
N SER A 456 -19.65 8.99 12.43
CA SER A 456 -19.20 9.84 13.50
C SER A 456 -17.71 10.02 13.38
N VAL A 457 -17.24 11.15 13.94
CA VAL A 457 -15.88 11.53 14.04
C VAL A 457 -15.60 12.00 15.45
N VAL A 458 -14.58 11.44 16.09
CA VAL A 458 -14.20 11.80 17.48
C VAL A 458 -12.72 11.84 17.58
N ASN A 459 -12.22 12.73 18.44
CA ASN A 459 -10.80 12.79 18.74
C ASN A 459 -9.97 13.02 17.51
N SER A 460 -10.52 13.84 16.58
CA SER A 460 -9.89 14.03 15.25
C SER A 460 -9.48 15.48 15.07
N THR A 461 -8.50 15.69 14.18
CA THR A 461 -7.94 16.98 13.85
C THR A 461 -7.92 17.14 12.38
N ILE A 462 -8.53 18.18 11.82
CA ILE A 462 -8.36 18.49 10.42
C ILE A 462 -7.94 19.96 10.36
N GLU A 463 -6.69 20.20 10.03
CA GLU A 463 -6.19 21.59 9.84
C GLU A 463 -5.99 21.83 8.36
N VAL A 464 -6.98 22.42 7.75
CA VAL A 464 -6.92 22.70 6.32
C VAL A 464 -6.10 23.90 6.03
N GLN A 465 -5.14 23.77 5.12
CA GLN A 465 -4.33 24.88 4.66
C GLN A 465 -4.26 24.80 3.11
N LEU A 466 -4.85 25.76 2.42
CA LEU A 466 -4.71 25.86 1.00
C LEU A 466 -3.38 26.50 0.64
N SER A 467 -2.94 26.28 -0.59
N SER A 467 -2.95 26.26 -0.60
CA SER A 467 -1.76 26.95 -1.14
CA SER A 467 -1.74 26.83 -1.16
C SER A 467 -2.02 27.60 -2.46
C SER A 467 -2.01 27.57 -2.47
N CYS A 468 -3.28 27.61 -2.92
CA CYS A 468 -3.67 28.38 -4.10
C CYS A 468 -5.21 28.43 -4.01
N GLU A 469 -5.83 29.21 -4.90
CA GLU A 469 -7.28 29.31 -4.86
C GLU A 469 -7.93 28.17 -5.65
N ASP A 470 -9.08 27.75 -5.18
CA ASP A 470 -9.96 26.91 -5.96
C ASP A 470 -11.38 27.30 -5.61
N LEU A 471 -11.92 28.27 -6.34
CA LEU A 471 -13.25 28.75 -6.08
C LEU A 471 -14.35 27.86 -6.66
N SER A 472 -13.99 26.79 -7.38
CA SER A 472 -14.96 25.85 -7.90
C SER A 472 -15.51 24.98 -6.79
N MET A 473 -14.74 24.66 -5.74
CA MET A 473 -15.23 23.71 -4.75
C MET A 473 -16.41 24.25 -4.00
N PHE A 474 -17.34 23.35 -3.62
CA PHE A 474 -18.44 23.81 -2.82
C PHE A 474 -17.97 24.23 -1.43
N SER A 475 -17.07 23.45 -0.83
CA SER A 475 -16.53 23.79 0.48
C SER A 475 -15.19 23.15 0.65
N CYS A 476 -14.40 23.69 1.61
CA CYS A 476 -13.17 23.00 2.05
C CYS A 476 -13.43 21.75 2.82
N ILE A 477 -14.43 21.79 3.72
CA ILE A 477 -14.76 20.64 4.58
C ILE A 477 -16.22 20.65 4.84
N LEU A 478 -16.88 19.50 4.68
CA LEU A 478 -18.31 19.39 4.94
C LEU A 478 -18.60 18.13 5.76
N PHE A 479 -19.43 18.37 6.75
CA PHE A 479 -19.97 17.32 7.58
C PHE A 479 -21.49 17.20 7.35
N PRO A 480 -22.01 16.07 6.82
CA PRO A 480 -23.47 15.92 6.67
C PRO A 480 -24.07 15.88 8.09
N ALA A 481 -25.37 16.06 8.17
CA ALA A 481 -26.05 16.08 9.45
C ALA A 481 -26.04 14.70 10.13
N SER A 482 -25.94 13.66 9.34
CA SER A 482 -25.80 12.33 9.84
C SER A 482 -24.50 12.00 10.54
N CYS A 483 -23.46 12.81 10.41
CA CYS A 483 -22.18 12.55 11.03
C CYS A 483 -22.12 13.32 12.34
N GLN A 484 -22.04 12.58 13.42
CA GLN A 484 -21.77 13.15 14.74
C GLN A 484 -20.32 13.63 14.73
N LEU A 485 -20.03 14.72 15.44
CA LEU A 485 -18.68 15.27 15.56
C LEU A 485 -18.47 15.71 17.02
N SER A 486 -17.43 15.21 17.67
CA SER A 486 -17.22 15.57 19.08
C SER A 486 -15.76 15.48 19.38
N TYR A 487 -15.32 16.26 20.39
CA TYR A 487 -13.94 16.18 20.85
C TYR A 487 -12.97 16.23 19.68
N SER A 488 -13.14 17.25 18.86
CA SER A 488 -12.35 17.39 17.63
C SER A 488 -11.99 18.83 17.36
N LYS A 489 -10.97 18.99 16.51
CA LYS A 489 -10.47 20.29 16.12
C LYS A 489 -10.54 20.40 14.61
N ILE A 490 -11.29 21.37 14.08
CA ILE A 490 -11.39 21.59 12.65
C ILE A 490 -11.11 23.05 12.36
N THR A 491 -10.11 23.28 11.56
CA THR A 491 -9.69 24.66 11.18
C THR A 491 -9.48 24.81 9.73
N VAL A 492 -9.87 25.99 9.22
CA VAL A 492 -9.64 26.36 7.83
C VAL A 492 -8.83 27.66 7.87
N ASP A 493 -7.56 27.60 7.44
CA ASP A 493 -6.73 28.79 7.34
C ASP A 493 -7.35 29.76 6.34
N SER A 494 -7.22 31.07 6.58
CA SER A 494 -7.90 31.98 5.69
C SER A 494 -7.20 32.15 4.33
N ALA A 495 -5.94 31.76 4.16
CA ALA A 495 -5.23 32.13 2.94
C ALA A 495 -5.91 31.45 1.73
N TRP A 496 -6.09 32.24 0.66
CA TRP A 496 -6.73 31.86 -0.59
C TRP A 496 -8.25 31.60 -0.45
N THR A 497 -8.85 31.98 0.72
CA THR A 497 -10.30 31.74 0.94
C THR A 497 -11.19 32.97 0.86
N LYS A 498 -10.64 34.16 0.62
CA LYS A 498 -11.48 35.37 0.70
C LYS A 498 -12.72 35.34 -0.10
N SER A 499 -12.65 34.73 -1.27
CA SER A 499 -13.78 34.73 -2.21
C SER A 499 -14.67 33.50 -2.11
N MET A 500 -14.41 32.63 -1.18
CA MET A 500 -15.20 31.39 -1.07
C MET A 500 -16.53 31.65 -0.33
N SER A 501 -17.60 31.18 -0.96
N SER A 501 -17.71 31.30 -0.86
CA SER A 501 -18.94 31.30 -0.39
CA SER A 501 -18.94 31.54 -0.02
C SER A 501 -19.07 30.49 0.93
C SER A 501 -19.10 30.46 1.09
N ASN A 502 -18.54 29.26 0.88
CA ASN A 502 -18.48 28.35 2.01
C ASN A 502 -17.03 27.91 2.19
N THR A 503 -16.64 27.80 3.44
CA THR A 503 -15.33 27.32 3.81
C THR A 503 -15.49 26.01 4.57
N ALA A 504 -15.93 26.02 5.79
CA ALA A 504 -16.36 24.83 6.56
C ALA A 504 -17.90 24.81 6.63
N VAL A 505 -18.48 23.63 6.41
CA VAL A 505 -19.92 23.44 6.42
C VAL A 505 -20.29 22.30 7.40
N PHE A 506 -21.17 22.58 8.32
CA PHE A 506 -21.64 21.68 9.33
C PHE A 506 -23.14 21.56 9.17
N GLU A 507 -23.61 20.57 8.40
CA GLU A 507 -25.03 20.55 7.98
C GLU A 507 -25.97 20.23 9.13
N GLY A 508 -25.44 19.68 10.21
CA GLY A 508 -26.16 19.50 11.44
C GLY A 508 -25.81 20.46 12.57
N ASN A 509 -25.10 21.53 12.23
N ASN A 509 -25.18 21.59 12.29
CA ASN A 509 -24.65 22.52 13.19
CA ASN A 509 -24.77 22.52 13.34
C ASN A 509 -23.78 21.88 14.28
C ASN A 509 -23.77 21.89 14.33
N GLN A 510 -22.97 20.95 13.87
CA GLN A 510 -22.19 20.14 14.85
C GLN A 510 -21.05 20.94 15.44
N GLN A 511 -20.71 22.08 14.88
CA GLN A 511 -19.61 22.87 15.40
C GLN A 511 -19.96 23.48 16.76
N ALA A 512 -21.24 23.44 17.14
CA ALA A 512 -21.70 23.87 18.42
C ALA A 512 -21.45 22.98 19.58
N GLY A 513 -20.89 21.80 19.32
CA GLY A 513 -20.68 20.83 20.36
C GLY A 513 -19.72 21.38 21.45
N ALA A 514 -19.93 20.91 22.69
CA ALA A 514 -19.22 21.46 23.87
C ALA A 514 -17.68 21.32 23.74
N ASN A 515 -17.23 20.23 23.08
CA ASN A 515 -15.83 19.92 22.93
C ASN A 515 -15.40 19.90 21.50
N VAL A 516 -16.01 20.77 20.66
CA VAL A 516 -15.62 21.02 19.28
C VAL A 516 -14.87 22.34 19.31
N TYR A 517 -13.72 22.37 18.65
CA TYR A 517 -12.78 23.45 18.61
C TYR A 517 -12.62 23.81 17.14
N VAL A 518 -13.18 24.94 16.65
N VAL A 518 -13.03 25.00 16.71
CA VAL A 518 -13.13 25.22 15.20
CA VAL A 518 -13.22 25.19 15.29
C VAL A 518 -12.92 26.63 14.91
C VAL A 518 -12.86 26.63 14.96
N SER A 519 -12.33 26.87 13.75
CA SER A 519 -12.22 28.24 13.25
C SER A 519 -12.29 28.18 11.71
N TYR A 520 -12.97 29.18 11.14
CA TYR A 520 -13.05 29.28 9.66
C TYR A 520 -13.61 30.60 9.26
N PRO A 521 -13.26 31.08 8.06
CA PRO A 521 -13.80 32.37 7.60
C PRO A 521 -15.24 32.36 7.22
N ALA A 522 -15.89 33.52 7.36
CA ALA A 522 -17.30 33.71 6.95
C ALA A 522 -17.51 35.20 6.65
N THR A 523 -18.47 35.49 5.84
CA THR A 523 -18.92 36.85 5.64
C THR A 523 -20.10 37.14 6.51
N VAL A 524 -20.09 38.29 7.14
CA VAL A 524 -21.13 38.68 8.13
C VAL A 524 -21.59 40.13 7.91
N ASN A 525 -22.93 40.32 7.92
CA ASN A 525 -23.52 41.65 7.81
C ASN A 525 -23.74 42.19 9.24
N LEU A 526 -23.29 43.42 9.46
CA LEU A 526 -23.43 44.08 10.72
C LEU A 526 -24.14 45.43 10.59
N THR A 527 -24.75 45.85 11.69
N THR A 527 -24.85 45.82 11.64
CA THR A 527 -25.35 47.18 11.79
CA THR A 527 -25.34 47.19 11.75
C THR A 527 -25.07 47.77 13.16
C THR A 527 -24.89 47.74 13.11
N SER A 528 -24.72 49.04 13.23
CA SER A 528 -24.41 49.69 14.48
C SER A 528 -25.55 50.48 15.05
N TYR A 529 -25.46 50.86 16.31
CA TYR A 529 -26.24 51.93 16.86
C TYR A 529 -25.81 53.28 16.31
N ASN A 530 -26.61 54.32 16.54
N ASN A 530 -26.62 54.29 16.61
CA ASN A 530 -26.25 55.65 15.92
CA ASN A 530 -26.41 55.65 16.07
C ASN A 530 -25.29 56.52 16.77
C ASN A 530 -25.26 56.44 16.74
N THR A 531 -24.97 56.10 17.99
CA THR A 531 -24.18 56.92 18.94
C THR A 531 -22.84 57.32 18.35
N GLN A 532 -22.49 58.58 18.54
CA GLN A 532 -21.13 59.07 18.30
C GLN A 532 -20.20 58.51 19.36
N GLY A 533 -18.98 58.16 18.95
CA GLY A 533 -17.98 57.61 19.87
C GLY A 533 -17.96 56.12 19.83
N ALA A 534 -17.51 55.49 20.90
CA ALA A 534 -17.50 54.05 20.98
C ALA A 534 -18.91 53.54 20.84
N VAL A 535 -19.15 52.60 19.93
CA VAL A 535 -20.48 52.25 19.53
C VAL A 535 -20.50 50.78 19.13
N PRO A 536 -21.55 50.03 19.57
CA PRO A 536 -21.63 48.61 19.26
C PRO A 536 -22.07 48.38 17.82
N PHE A 537 -21.54 47.30 17.25
CA PHE A 537 -21.99 46.73 16.00
C PHE A 537 -22.50 45.31 16.27
N PHE A 538 -23.59 44.92 15.64
CA PHE A 538 -24.27 43.64 15.86
C PHE A 538 -24.60 42.92 14.55
N SER A 539 -24.39 41.64 14.51
CA SER A 539 -24.77 40.94 13.30
C SER A 539 -26.24 40.95 13.04
N THR A 540 -26.61 40.98 11.78
N THR A 540 -26.59 40.99 11.76
CA THR A 540 -28.02 40.97 11.45
CA THR A 540 -27.99 40.87 11.37
C THR A 540 -28.60 39.52 11.51
C THR A 540 -28.53 39.49 11.70
N ASP A 541 -27.78 38.52 11.29
CA ASP A 541 -28.19 37.13 11.46
C ASP A 541 -27.85 36.67 12.87
N THR A 542 -28.50 35.61 13.26
CA THR A 542 -28.53 35.08 14.66
C THR A 542 -28.00 33.64 14.77
N ASN A 543 -27.12 33.21 13.87
N ASN A 543 -27.04 33.38 13.87
CA ASN A 543 -26.65 31.82 13.89
CA ASN A 543 -26.43 32.09 13.55
C ASN A 543 -25.22 31.69 14.43
C ASN A 543 -25.13 31.82 14.30
N TYR A 544 -24.83 32.57 15.37
CA TYR A 544 -23.47 32.65 15.88
C TYR A 544 -23.46 32.36 17.39
N ALA A 545 -24.41 31.62 17.94
CA ALA A 545 -24.42 31.33 19.38
C ALA A 545 -23.27 30.44 19.85
N TRP A 546 -22.57 29.85 18.88
CA TRP A 546 -21.47 28.92 19.18
C TRP A 546 -20.11 29.62 19.11
N VAL A 547 -20.07 30.87 18.62
CA VAL A 547 -18.84 31.62 18.40
C VAL A 547 -18.27 32.17 19.70
N THR A 548 -16.99 31.91 20.03
CA THR A 548 -16.38 32.44 21.19
C THR A 548 -15.62 33.75 20.93
N SER A 549 -15.11 33.91 19.69
CA SER A 549 -14.55 35.19 19.26
C SER A 549 -14.51 35.23 17.73
N ALA A 550 -14.44 36.42 17.16
CA ALA A 550 -14.22 36.56 15.74
C ALA A 550 -13.38 37.79 15.52
N TYR A 551 -12.64 37.90 14.41
CA TYR A 551 -11.89 39.05 14.09
C TYR A 551 -11.90 39.37 12.63
N SER A 552 -11.70 40.65 12.35
CA SER A 552 -11.75 41.17 10.97
C SER A 552 -10.67 40.61 10.07
N LEU A 553 -11.12 40.19 8.87
CA LEU A 553 -10.28 39.82 7.73
C LEU A 553 -10.38 40.80 6.58
N SER A 554 -11.06 41.97 6.79
CA SER A 554 -11.36 42.96 5.80
C SER A 554 -10.85 44.32 6.14
N ILE A 555 -10.44 45.08 5.13
CA ILE A 555 -10.07 46.50 5.39
C ILE A 555 -11.33 47.34 5.59
N ASN A 556 -11.13 48.50 6.17
CA ASN A 556 -12.23 49.47 6.37
C ASN A 556 -12.01 50.66 5.46
N GLU A 557 -12.90 50.79 4.48
CA GLU A 557 -12.84 51.80 3.43
C GLU A 557 -13.30 53.19 3.98
N ASN A 558 -13.82 53.25 5.16
CA ASN A 558 -14.44 54.46 5.71
C ASN A 558 -13.47 55.33 6.44
N LEU A 559 -13.72 56.64 6.44
CA LEU A 559 -12.95 57.59 7.28
C LEU A 559 -13.75 57.88 8.55
N ASP A 560 -15.09 57.98 8.44
CA ASP A 560 -15.88 58.50 9.60
C ASP A 560 -16.21 57.52 10.67
N PHE A 561 -15.92 56.26 10.46
CA PHE A 561 -16.14 55.23 11.49
C PHE A 561 -15.23 54.05 11.21
N SER A 562 -15.24 53.16 12.18
CA SER A 562 -14.60 51.89 12.00
C SER A 562 -15.44 50.81 12.71
N PRO A 563 -15.64 49.64 12.07
CA PRO A 563 -16.28 48.54 12.76
C PRO A 563 -15.30 47.99 13.78
N PRO A 564 -15.79 47.10 14.66
CA PRO A 564 -14.92 46.47 15.63
C PRO A 564 -13.79 45.64 14.94
N ALA A 565 -12.60 45.59 15.52
CA ALA A 565 -11.61 44.65 15.10
C ALA A 565 -11.96 43.21 15.53
N THR A 566 -12.59 43.09 16.69
N THR A 566 -12.57 43.08 16.71
CA THR A 566 -12.94 41.80 17.26
CA THR A 566 -12.86 41.78 17.32
C THR A 566 -14.35 41.80 17.85
C THR A 566 -14.30 41.77 17.90
N TYR A 567 -14.90 40.60 17.92
CA TYR A 567 -16.29 40.38 18.25
C TYR A 567 -16.40 39.21 19.26
N THR A 568 -17.45 39.23 20.06
N THR A 568 -17.41 39.30 20.14
CA THR A 568 -17.85 38.01 20.71
CA THR A 568 -17.91 38.16 20.94
C THR A 568 -19.35 37.86 20.43
C THR A 568 -19.30 37.80 20.41
N ASN A 569 -20.05 37.02 21.16
CA ASN A 569 -21.43 36.75 20.84
C ASN A 569 -22.39 37.20 21.95
N LYS A 570 -23.67 36.97 21.73
CA LYS A 570 -24.73 37.15 22.70
C LYS A 570 -25.67 35.95 22.67
N ALA A 571 -26.48 35.87 23.68
CA ALA A 571 -27.37 34.70 23.86
C ALA A 571 -28.28 34.42 22.70
N ASN A 572 -28.69 35.45 22.00
CA ASN A 572 -29.60 35.27 20.85
C ASN A 572 -28.92 34.85 19.59
N GLY A 573 -27.60 34.63 19.63
CA GLY A 573 -26.86 34.24 18.49
C GLY A 573 -26.29 35.30 17.61
N GLN A 574 -26.51 36.58 17.97
CA GLN A 574 -25.77 37.66 17.31
C GLN A 574 -24.30 37.77 17.76
N LEU A 575 -23.45 38.20 16.84
CA LEU A 575 -22.15 38.71 17.17
C LEU A 575 -22.32 40.16 17.59
N VAL A 576 -21.38 40.60 18.45
CA VAL A 576 -21.31 42.00 19.00
C VAL A 576 -19.85 42.40 19.17
N GLY A 577 -19.55 43.64 18.77
CA GLY A 577 -18.27 44.22 19.14
C GLY A 577 -18.39 45.70 19.24
N VAL A 578 -17.33 46.35 19.75
CA VAL A 578 -17.29 47.79 19.94
C VAL A 578 -16.40 48.47 18.93
N GLY A 579 -17.03 49.24 18.03
CA GLY A 579 -16.30 50.07 17.00
C GLY A 579 -16.31 51.50 17.44
N TYR A 580 -16.11 52.35 16.43
CA TYR A 580 -15.94 53.78 16.78
C TYR A 580 -16.57 54.63 15.67
N ASN A 581 -17.49 55.52 16.07
CA ASN A 581 -18.12 56.47 15.21
C ASN A 581 -17.48 57.85 15.44
N GLU A 582 -16.62 58.30 14.51
CA GLU A 582 -16.06 59.65 14.64
C GLU A 582 -17.16 60.69 14.60
N ILE A 583 -18.11 60.45 13.70
CA ILE A 583 -19.38 61.12 13.57
C ILE A 583 -20.43 60.07 13.79
N GLY A 584 -21.57 60.52 14.36
CA GLY A 584 -22.65 59.61 14.61
C GLY A 584 -23.33 59.16 13.35
N GLY A 585 -24.16 58.16 13.55
CA GLY A 585 -24.95 57.59 12.51
C GLY A 585 -25.04 56.06 12.59
N VAL A 586 -26.19 55.50 12.21
CA VAL A 586 -26.35 54.04 12.08
C VAL A 586 -25.45 53.60 10.89
N ARG A 587 -24.62 52.59 11.08
CA ARG A 587 -23.72 52.08 10.05
C ARG A 587 -24.15 50.67 9.66
N SER A 588 -23.89 50.28 8.42
N SER A 588 -23.93 50.31 8.40
CA SER A 588 -24.25 48.95 7.92
CA SER A 588 -24.14 48.95 7.91
C SER A 588 -23.13 48.47 7.00
C SER A 588 -22.94 48.57 7.10
N VAL A 589 -22.41 47.40 7.39
CA VAL A 589 -21.26 46.87 6.67
C VAL A 589 -21.35 45.37 6.52
N SER A 590 -20.64 44.90 5.50
N SER A 590 -20.66 44.87 5.49
CA SER A 590 -20.42 43.51 5.23
CA SER A 590 -20.46 43.46 5.28
C SER A 590 -18.93 43.29 5.42
C SER A 590 -18.99 43.14 5.30
N VAL A 591 -18.59 42.33 6.27
CA VAL A 591 -17.17 42.13 6.65
C VAL A 591 -16.86 40.61 6.54
N ARG A 592 -15.63 40.32 6.13
CA ARG A 592 -15.07 38.99 6.18
C ARG A 592 -14.50 38.83 7.58
N LEU A 593 -14.93 37.82 8.35
CA LEU A 593 -14.45 37.52 9.69
C LEU A 593 -13.86 36.14 9.77
N MET A 594 -12.87 35.97 10.65
CA MET A 594 -12.46 34.65 11.11
C MET A 594 -13.30 34.30 12.32
N LEU A 595 -14.20 33.33 12.16
CA LEU A 595 -15.04 32.86 13.26
C LEU A 595 -14.31 31.80 14.06
N GLN A 596 -14.25 31.94 15.38
CA GLN A 596 -13.50 31.02 16.28
C GLN A 596 -14.39 30.49 17.33
N ARG A 597 -14.21 29.19 17.62
CA ARG A 597 -14.86 28.57 18.75
C ARG A 597 -13.82 27.81 19.54
N GLN A 598 -13.51 28.31 20.74
CA GLN A 598 -12.66 27.71 21.75
C GLN A 598 -11.18 27.63 21.35
N VAL A 599 -10.83 28.36 20.27
CA VAL A 599 -9.48 28.49 19.72
C VAL A 599 -9.11 29.95 19.51
C1 NDG B . -5.57 -9.32 -2.07
C2 NDG B . -5.16 -10.77 -1.80
C3 NDG B . -6.20 -11.47 -0.90
C4 NDG B . -6.38 -10.59 0.36
C5 NDG B . -6.76 -9.17 -0.12
C6 NDG B . -7.25 -8.14 0.85
C7 NDG B . -3.88 -12.17 -3.45
C8 NDG B . -3.93 -12.64 -4.90
O5 NDG B . -5.64 -8.66 -0.83
O3 NDG B . -5.77 -12.75 -0.57
O4 NDG B . -7.38 -11.12 1.20
O6 NDG B . -6.29 -8.16 1.87
O7 NDG B . -2.90 -12.32 -2.75
N2 NDG B . -4.98 -11.45 -3.05
O1 NDG B . -6.82 -9.22 -2.70
C1 NAG B . -5.34 -9.34 -2.01
C2 NAG B . -5.11 -10.84 -1.76
C3 NAG B . -6.18 -11.49 -0.89
C4 NAG B . -6.42 -10.59 0.32
C5 NAG B . -6.81 -9.22 -0.20
C6 NAG B . -7.37 -8.26 0.83
C7 NAG B . -3.87 -12.14 -3.45
C8 NAG B . -3.95 -12.73 -4.83
N2 NAG B . -4.97 -11.47 -3.05
O1 NAG B . -4.07 -8.83 -2.41
O3 NAG B . -5.77 -12.75 -0.57
O4 NAG B . -7.41 -11.09 1.18
O5 NAG B . -5.70 -8.66 -0.84
O6 NAG B . -6.49 -8.21 1.91
O7 NAG B . -2.86 -12.23 -2.77
C1 GLA B . -6.86 -13.66 -0.50
C2 GLA B . -6.37 -14.82 0.32
C3 GLA B . -5.27 -15.62 -0.38
C4 GLA B . -5.71 -16.07 -1.76
C5 GLA B . -6.21 -14.83 -2.50
C6 GLA B . -6.77 -15.05 -3.88
O2 GLA B . -5.93 -14.40 1.62
O3 GLA B . -4.93 -16.77 0.41
O4 GLA B . -6.83 -17.00 -1.62
O5 GLA B . -7.24 -14.14 -1.76
O6 GLA B . -5.75 -15.69 -4.64
C1 GLC B . -6.60 -18.11 -2.59
C2 GLC B . -7.92 -18.89 -2.62
C3 GLC B . -8.23 -19.57 -1.26
C4 GLC B . -7.08 -20.44 -0.91
C5 GLC B . -5.83 -19.55 -0.83
C6 GLC B . -4.52 -20.26 -0.43
O2 GLC B . -8.96 -18.02 -3.02
O3 GLC B . -9.38 -20.40 -1.44
O4 GLC B . -7.38 -21.04 0.32
O5 GLC B . -5.58 -18.95 -2.12
O6 GLC B . -4.34 -21.40 -1.31
C1 RAM B . -4.37 -22.63 -0.59
C2 RAM B . -4.25 -23.73 -1.65
C3 RAM B . -2.85 -23.79 -2.24
C4 RAM B . -1.82 -23.87 -1.13
C5 RAM B . -1.97 -22.65 -0.23
C6 RAM B . -1.04 -22.73 0.99
O2 RAM B . -4.59 -24.98 -1.05
O3 RAM B . -2.73 -25.01 -2.98
O4 RAM B . -0.48 -23.87 -1.71
O5 RAM B . -3.31 -22.72 0.38
C1 NAG B . -3.67 -16.73 1.12
C2 NAG B . -3.78 -17.76 2.22
C3 NAG B . -2.43 -17.94 2.94
C4 NAG B . -1.27 -18.00 1.91
C5 NAG B . -1.35 -16.93 0.85
C6 NAG B . -0.32 -16.98 -0.22
C7 NAG B . -5.86 -17.92 3.45
C8 NAG B . -6.76 -17.23 4.45
N2 NAG B . -4.75 -17.32 3.18
O3 NAG B . -2.46 -19.14 3.68
O4 NAG B . -0.02 -17.85 2.62
O5 NAG B . -2.63 -17.04 0.21
O6 NAG B . -0.35 -18.18 -0.94
O7 NAG B . -6.16 -19.03 2.99
C TRS C . -13.81 11.17 25.17
C1 TRS C . -14.19 11.52 23.75
C2 TRS C . -12.84 9.93 25.26
C3 TRS C . -15.02 10.85 26.05
N TRS C . -12.98 12.36 25.66
O1 TRS C . -14.94 10.45 23.24
O2 TRS C . -11.72 10.09 24.38
O3 TRS C . -15.83 12.01 26.34
C FMT D . -16.01 58.52 4.34
O1 FMT D . -16.84 58.30 3.54
O2 FMT D . -16.04 57.85 5.51
C FMT E . -11.13 61.73 10.48
O1 FMT E . -12.04 60.99 10.87
O2 FMT E . -9.87 61.26 10.24
C FMT F . 18.15 -24.79 -23.91
O1 FMT F . 17.05 -24.68 -24.53
O2 FMT F . 19.32 -24.15 -24.26
C FMT G . 2.42 20.48 -4.52
O1 FMT G . 2.38 21.36 -3.54
O2 FMT G . 2.94 20.64 -5.85
C FMT H . -24.68 37.68 8.90
O1 FMT H . -25.00 38.53 9.85
O2 FMT H . -24.61 37.95 7.52
C FMT I . 38.81 -34.21 0.27
O1 FMT I . 39.94 -34.07 -0.21
O2 FMT I . 37.79 -33.36 0.02
C FMT J . -12.44 -3.21 -1.15
O1 FMT J . -13.59 -2.80 -1.20
O2 FMT J . -11.84 -3.22 0.04
NA NA K . -3.81 -26.96 -2.22
NA NA L . 5.16 19.79 -4.31
NA NA M . -24.28 9.09 12.66
#